data_3NJ6
# 
_entry.id   3NJ6 
# 
_audit_conform.dict_name       mmcif_pdbx.dic 
_audit_conform.dict_version    5.389 
_audit_conform.dict_location   http://mmcif.pdb.org/dictionaries/ascii/mmcif_pdbx.dic 
# 
loop_
_database_2.database_id 
_database_2.database_code 
_database_2.pdbx_database_accession 
_database_2.pdbx_DOI 
PDB   3NJ6         pdb_00003nj6 10.2210/pdb3nj6/pdb 
NDB   NA0608       ?            ?                   
RCSB  RCSB059895   ?            ?                   
WWPDB D_1000059895 ?            ?                   
# 
loop_
_pdbx_audit_revision_history.ordinal 
_pdbx_audit_revision_history.data_content_type 
_pdbx_audit_revision_history.major_revision 
_pdbx_audit_revision_history.minor_revision 
_pdbx_audit_revision_history.revision_date 
1 'Structure model' 1 0 2010-08-25 
2 'Structure model' 1 1 2011-07-13 
3 'Structure model' 1 2 2017-11-08 
4 'Structure model' 1 3 2024-02-21 
5 'Structure model' 1 4 2024-04-03 
# 
_pdbx_audit_revision_details.ordinal             1 
_pdbx_audit_revision_details.revision_ordinal    1 
_pdbx_audit_revision_details.data_content_type   'Structure model' 
_pdbx_audit_revision_details.provider            repository 
_pdbx_audit_revision_details.type                'Initial release' 
_pdbx_audit_revision_details.description         ? 
_pdbx_audit_revision_details.details             ? 
# 
loop_
_pdbx_audit_revision_group.ordinal 
_pdbx_audit_revision_group.revision_ordinal 
_pdbx_audit_revision_group.data_content_type 
_pdbx_audit_revision_group.group 
1 2 'Structure model' 'Version format compliance' 
2 3 'Structure model' 'Refinement description'    
3 4 'Structure model' 'Data collection'           
4 4 'Structure model' 'Database references'       
5 4 'Structure model' 'Derived calculations'      
6 5 'Structure model' 'Refinement description'    
# 
loop_
_pdbx_audit_revision_category.ordinal 
_pdbx_audit_revision_category.revision_ordinal 
_pdbx_audit_revision_category.data_content_type 
_pdbx_audit_revision_category.category 
1 3 'Structure model' software                      
2 4 'Structure model' chem_comp_atom                
3 4 'Structure model' chem_comp_bond                
4 4 'Structure model' database_2                    
5 4 'Structure model' struct_site                   
6 5 'Structure model' pdbx_initial_refinement_model 
# 
loop_
_pdbx_audit_revision_item.ordinal 
_pdbx_audit_revision_item.revision_ordinal 
_pdbx_audit_revision_item.data_content_type 
_pdbx_audit_revision_item.item 
1 4 'Structure model' '_database_2.pdbx_DOI'                
2 4 'Structure model' '_database_2.pdbx_database_accession' 
3 4 'Structure model' '_struct_site.pdbx_auth_asym_id'      
4 4 'Structure model' '_struct_site.pdbx_auth_comp_id'      
5 4 'Structure model' '_struct_site.pdbx_auth_seq_id'       
# 
_pdbx_database_status.entry_id                        3NJ6 
_pdbx_database_status.deposit_site                    RCSB 
_pdbx_database_status.process_site                    RCSB 
_pdbx_database_status.recvd_initial_deposition_date   2010-06-17 
_pdbx_database_status.status_code                     REL 
_pdbx_database_status.status_code_sf                  REL 
_pdbx_database_status.status_code_mr                  ? 
_pdbx_database_status.SG_entry                        ? 
_pdbx_database_status.status_code_cs                  ? 
_pdbx_database_status.pdb_format_compatible           Y 
_pdbx_database_status.methods_development_category    ? 
_pdbx_database_status.status_code_nmr_data            ? 
# 
_pdbx_database_related.db_name        PDB 
_pdbx_database_related.db_id          3NJ7 
_pdbx_database_related.details        '1.9 A resolution X-ray structure of (GGCAGCAGCC)2' 
_pdbx_database_related.content_type   unspecified 
# 
loop_
_audit_author.name 
_audit_author.pdbx_ordinal 
'Kiliszek, A.'     1 
'Kierzek, R.'      2 
'Krzyzosiak, W.J.' 3 
'Rypniewski, W.'   4 
# 
_citation.id                        primary 
_citation.title                     
;Atomic resolution structure of CAG RNA repeats: structural insights and implications for the trinucleotide repeat expansion diseases.
;
_citation.journal_abbrev            'Nucleic Acids Res.' 
_citation.journal_volume            38 
_citation.page_first                8370 
_citation.page_last                 8376 
_citation.year                      2010 
_citation.journal_id_ASTM           NARHAD 
_citation.country                   UK 
_citation.journal_id_ISSN           0305-1048 
_citation.journal_id_CSD            0389 
_citation.book_publisher            ? 
_citation.pdbx_database_id_PubMed   20702420 
_citation.pdbx_database_id_DOI      10.1093/nar/gkq700 
# 
loop_
_citation_author.citation_id 
_citation_author.name 
_citation_author.ordinal 
_citation_author.identifier_ORCID 
primary 'Kiliszek, A.'     1 ? 
primary 'Kierzek, R.'      2 ? 
primary 'Krzyzosiak, W.J.' 3 ? 
primary 'Rypniewski, W.'   4 ? 
# 
loop_
_entity.id 
_entity.type 
_entity.src_method 
_entity.pdbx_description 
_entity.formula_weight 
_entity.pdbx_number_of_molecules 
_entity.pdbx_ec 
_entity.pdbx_mutation 
_entity.pdbx_fragment 
_entity.details 
1 polymer     syn "5'-R(*GP*GP*CP*AP*GP*CP*AP*GP*CP*C)-3'" 3215.004 1  ? ? ? ? 
2 non-polymer syn 'SULFATE ION'                            96.063   1  ? ? ? ? 
3 water       nat water                                    18.015   76 ? ? ? ? 
# 
_entity_poly.entity_id                      1 
_entity_poly.type                           polyribonucleotide 
_entity_poly.nstd_linkage                   no 
_entity_poly.nstd_monomer                   no 
_entity_poly.pdbx_seq_one_letter_code       GGCAGCAGCC 
_entity_poly.pdbx_seq_one_letter_code_can   GGCAGCAGCC 
_entity_poly.pdbx_strand_id                 A 
_entity_poly.pdbx_target_identifier         ? 
# 
loop_
_pdbx_entity_nonpoly.entity_id 
_pdbx_entity_nonpoly.name 
_pdbx_entity_nonpoly.comp_id 
2 'SULFATE ION' SO4 
3 water         HOH 
# 
loop_
_entity_poly_seq.entity_id 
_entity_poly_seq.num 
_entity_poly_seq.mon_id 
_entity_poly_seq.hetero 
1 1  G n 
1 2  G n 
1 3  C n 
1 4  A n 
1 5  G n 
1 6  C n 
1 7  A n 
1 8  G n 
1 9  C n 
1 10 C n 
# 
loop_
_chem_comp.id 
_chem_comp.type 
_chem_comp.mon_nstd_flag 
_chem_comp.name 
_chem_comp.pdbx_synonyms 
_chem_comp.formula 
_chem_comp.formula_weight 
A   'RNA linking' y "ADENOSINE-5'-MONOPHOSPHATE" ? 'C10 H14 N5 O7 P' 347.221 
C   'RNA linking' y "CYTIDINE-5'-MONOPHOSPHATE"  ? 'C9 H14 N3 O8 P'  323.197 
G   'RNA linking' y "GUANOSINE-5'-MONOPHOSPHATE" ? 'C10 H14 N5 O8 P' 363.221 
HOH non-polymer   . WATER                        ? 'H2 O'            18.015  
SO4 non-polymer   . 'SULFATE ION'                ? 'O4 S -2'         96.063  
# 
loop_
_pdbx_poly_seq_scheme.asym_id 
_pdbx_poly_seq_scheme.entity_id 
_pdbx_poly_seq_scheme.seq_id 
_pdbx_poly_seq_scheme.mon_id 
_pdbx_poly_seq_scheme.ndb_seq_num 
_pdbx_poly_seq_scheme.pdb_seq_num 
_pdbx_poly_seq_scheme.auth_seq_num 
_pdbx_poly_seq_scheme.pdb_mon_id 
_pdbx_poly_seq_scheme.auth_mon_id 
_pdbx_poly_seq_scheme.pdb_strand_id 
_pdbx_poly_seq_scheme.pdb_ins_code 
_pdbx_poly_seq_scheme.hetero 
A 1 1  G 1  1  1  G G A . n 
A 1 2  G 2  2  2  G G A . n 
A 1 3  C 3  3  3  C C A . n 
A 1 4  A 4  4  4  A A A . n 
A 1 5  G 5  5  5  G G A . n 
A 1 6  C 6  6  6  C C A . n 
A 1 7  A 7  7  7  A A A . n 
A 1 8  G 8  8  8  G G A . n 
A 1 9  C 9  9  9  C C A . n 
A 1 10 C 10 10 10 C C A . n 
# 
loop_
_pdbx_nonpoly_scheme.asym_id 
_pdbx_nonpoly_scheme.entity_id 
_pdbx_nonpoly_scheme.mon_id 
_pdbx_nonpoly_scheme.ndb_seq_num 
_pdbx_nonpoly_scheme.pdb_seq_num 
_pdbx_nonpoly_scheme.auth_seq_num 
_pdbx_nonpoly_scheme.pdb_mon_id 
_pdbx_nonpoly_scheme.auth_mon_id 
_pdbx_nonpoly_scheme.pdb_strand_id 
_pdbx_nonpoly_scheme.pdb_ins_code 
B 2 SO4 1  11 11 SO4 SO4 A . 
C 3 HOH 1  12 12 HOH HOH A . 
C 3 HOH 2  13 13 HOH HOH A . 
C 3 HOH 3  14 14 HOH HOH A . 
C 3 HOH 4  15 15 HOH HOH A . 
C 3 HOH 5  16 16 HOH HOH A . 
C 3 HOH 6  17 17 HOH HOH A . 
C 3 HOH 7  18 18 HOH HOH A . 
C 3 HOH 8  19 19 HOH HOH A . 
C 3 HOH 9  20 20 HOH HOH A . 
C 3 HOH 10 21 21 HOH HOH A . 
C 3 HOH 11 22 22 HOH HOH A . 
C 3 HOH 12 23 23 HOH HOH A . 
C 3 HOH 13 24 24 HOH HOH A . 
C 3 HOH 14 25 25 HOH HOH A . 
C 3 HOH 15 26 26 HOH HOH A . 
C 3 HOH 16 27 27 HOH HOH A . 
C 3 HOH 17 28 28 HOH HOH A . 
C 3 HOH 18 29 29 HOH HOH A . 
C 3 HOH 19 30 30 HOH HOH A . 
C 3 HOH 20 31 31 HOH HOH A . 
C 3 HOH 21 32 32 HOH HOH A . 
C 3 HOH 22 33 33 HOH HOH A . 
C 3 HOH 23 34 34 HOH HOH A . 
C 3 HOH 24 35 35 HOH HOH A . 
C 3 HOH 25 36 36 HOH HOH A . 
C 3 HOH 26 37 37 HOH HOH A . 
C 3 HOH 27 38 38 HOH HOH A . 
C 3 HOH 28 39 39 HOH HOH A . 
C 3 HOH 29 40 40 HOH HOH A . 
C 3 HOH 30 41 41 HOH HOH A . 
C 3 HOH 31 42 42 HOH HOH A . 
C 3 HOH 32 43 43 HOH HOH A . 
C 3 HOH 33 44 44 HOH HOH A . 
C 3 HOH 34 45 45 HOH HOH A . 
C 3 HOH 35 46 46 HOH HOH A . 
C 3 HOH 36 47 47 HOH HOH A . 
C 3 HOH 37 48 48 HOH HOH A . 
C 3 HOH 38 49 49 HOH HOH A . 
C 3 HOH 39 50 50 HOH HOH A . 
C 3 HOH 40 51 51 HOH HOH A . 
C 3 HOH 41 52 52 HOH HOH A . 
C 3 HOH 42 53 53 HOH HOH A . 
C 3 HOH 43 54 54 HOH HOH A . 
C 3 HOH 44 55 55 HOH HOH A . 
C 3 HOH 45 56 56 HOH HOH A . 
C 3 HOH 46 57 57 HOH HOH A . 
C 3 HOH 47 58 58 HOH HOH A . 
C 3 HOH 48 59 59 HOH HOH A . 
C 3 HOH 49 60 60 HOH HOH A . 
C 3 HOH 50 61 61 HOH HOH A . 
C 3 HOH 51 62 62 HOH HOH A . 
C 3 HOH 52 63 63 HOH HOH A . 
C 3 HOH 53 64 64 HOH HOH A . 
C 3 HOH 54 65 65 HOH HOH A . 
C 3 HOH 55 66 66 HOH HOH A . 
C 3 HOH 56 67 67 HOH HOH A . 
C 3 HOH 57 68 68 HOH HOH A . 
C 3 HOH 58 69 69 HOH HOH A . 
C 3 HOH 59 70 70 HOH HOH A . 
C 3 HOH 60 71 71 HOH HOH A . 
C 3 HOH 61 72 72 HOH HOH A . 
C 3 HOH 62 73 73 HOH HOH A . 
C 3 HOH 63 74 74 HOH HOH A . 
C 3 HOH 64 75 75 HOH HOH A . 
C 3 HOH 65 76 76 HOH HOH A . 
C 3 HOH 66 77 77 HOH HOH A . 
C 3 HOH 67 78 78 HOH HOH A . 
C 3 HOH 68 79 79 HOH HOH A . 
C 3 HOH 69 80 80 HOH HOH A . 
C 3 HOH 70 81 81 HOH HOH A . 
C 3 HOH 71 82 82 HOH HOH A . 
C 3 HOH 72 83 83 HOH HOH A . 
C 3 HOH 73 84 84 HOH HOH A . 
C 3 HOH 74 87 87 HOH HOH A . 
C 3 HOH 75 88 88 HOH HOH A . 
C 3 HOH 76 89 89 HOH HOH A . 
# 
loop_
_software.pdbx_ordinal 
_software.name 
_software.version 
_software.date 
_software.type 
_software.contact_author 
_software.contact_author_email 
_software.classification 
_software.location 
_software.language 
_software.citation_id 
1 DENZO       .     ?                          package 'Zbyszek Otwinowski' hkl@hkl-xray.com            'data reduction'  
http://www.hkl-xray.com/                    ?   ? 
2 SCALEPACK   .     ?                          package 'Zbyszek Otwinowski' hkl@hkl-xray.com            'data scaling'    
http://www.hkl-xray.com/                    ?   ? 
3 PHASER      2.1.1 'Thu Nov 22 16:35:27 2007' program 'Randy J. Read'      cimr-phaser@lists.cam.ac.uk phasing           
http://www-structmed.cimr.cam.ac.uk/phaser/ ?   ? 
4 PHENIX      1.5_2 ?                          package 'Paul D. Adams'      PDAdams@lbl.gov             refinement        
http://www.phenix-online.org/               C++ ? 
5 PDB_EXTRACT 3.100 'Jan. 22, 2010'            package PDB                  help@deposit.rcsb.org       'data extraction' 
http://sw-tools.pdb.org/apps/PDB_EXTRACT/   C++ ? 
6 HKL-2000    .     ?                          ?       ?                    ?                           'data reduction'  ? ?   ? 
7 HKL-2000    .     ?                          ?       ?                    ?                           'data scaling'    ? ?   ? 
# 
_cell.entry_id           3NJ6 
_cell.length_a           46.427 
_cell.length_b           46.427 
_cell.length_c           82.678 
_cell.angle_alpha        90.00 
_cell.angle_beta         90.00 
_cell.angle_gamma        120.00 
_cell.Z_PDB              18 
_cell.pdbx_unique_axis   ? 
_cell.length_a_esd       ? 
_cell.length_b_esd       ? 
_cell.length_c_esd       ? 
_cell.angle_alpha_esd    ? 
_cell.angle_beta_esd     ? 
_cell.angle_gamma_esd    ? 
# 
_symmetry.entry_id                         3NJ6 
_symmetry.space_group_name_H-M             'H 3 2' 
_symmetry.pdbx_full_space_group_name_H-M   ? 
_symmetry.cell_setting                     ? 
_symmetry.Int_Tables_number                155 
_symmetry.space_group_name_Hall            ? 
# 
_exptl.entry_id          3NJ6 
_exptl.method            'X-RAY DIFFRACTION' 
_exptl.crystals_number   1 
# 
_exptl_crystal.id                    1 
_exptl_crystal.density_meas          ? 
_exptl_crystal.density_Matthews      2.67 
_exptl_crystal.density_percent_sol   53.88 
_exptl_crystal.description           ? 
_exptl_crystal.F_000                 ? 
_exptl_crystal.preparation           ? 
# 
_exptl_crystal_grow.crystal_id      1 
_exptl_crystal_grow.method          ? 
_exptl_crystal_grow.temp            292 
_exptl_crystal_grow.temp_details    ? 
_exptl_crystal_grow.pH              8.5 
_exptl_crystal_grow.pdbx_pH_range   ? 
_exptl_crystal_grow.pdbx_details    'MgSO4, (NH4)2SO4, pH 8.5, VAPOR DIFFUSION, HANGING DROP, temperature 292K' 
# 
_diffrn.id                     1 
_diffrn.ambient_temp           100 
_diffrn.ambient_temp_details   ? 
_diffrn.crystal_id             1 
# 
_diffrn_detector.diffrn_id              1 
_diffrn_detector.detector               CCD 
_diffrn_detector.type                   'MARMOSAIC 225 mm CCD' 
_diffrn_detector.pdbx_collection_date   2009-06-06 
_diffrn_detector.details                ? 
# 
_diffrn_radiation.diffrn_id                        1 
_diffrn_radiation.wavelength_id                    1 
_diffrn_radiation.pdbx_monochromatic_or_laue_m_l   M 
_diffrn_radiation.monochromator                    SI 
_diffrn_radiation.pdbx_diffrn_protocol             'SINGLE WAVELENGTH' 
_diffrn_radiation.pdbx_scattering_type             x-ray 
# 
_diffrn_radiation_wavelength.id           1 
_diffrn_radiation_wavelength.wavelength   0.8000 
_diffrn_radiation_wavelength.wt           1.0 
# 
_diffrn_source.diffrn_id                   1 
_diffrn_source.source                      SYNCHROTRON 
_diffrn_source.type                        'BESSY BEAMLINE 14.1' 
_diffrn_source.pdbx_synchrotron_site       BESSY 
_diffrn_source.pdbx_synchrotron_beamline   14.1 
_diffrn_source.pdbx_wavelength             0.8000 
_diffrn_source.pdbx_wavelength_list        ? 
# 
_reflns.entry_id                     3NJ6 
_reflns.observed_criterion_sigma_I   0.000 
_reflns.observed_criterion_sigma_F   ? 
_reflns.d_resolution_low             23.213 
_reflns.d_resolution_high            0.95 
_reflns.number_obs                   21756 
_reflns.number_all                   ? 
_reflns.percent_possible_obs         99.7 
_reflns.pdbx_Rmerge_I_obs            ? 
_reflns.pdbx_Rsym_value              0.03600 
_reflns.pdbx_netI_over_sigmaI        74.1000 
_reflns.B_iso_Wilson_estimate        6.80 
_reflns.pdbx_redundancy              15.300 
_reflns.R_free_details               ? 
_reflns.pdbx_chi_squared             ? 
_reflns.pdbx_scaling_rejects         ? 
_reflns.pdbx_diffrn_id               1 
_reflns.pdbx_ordinal                 1 
# 
_reflns_shell.d_res_high             0.95 
_reflns_shell.d_res_low              0.97 
_reflns_shell.percent_possible_all   98.0 
_reflns_shell.Rmerge_I_obs           ? 
_reflns_shell.pdbx_Rsym_value        0.29100 
_reflns_shell.meanI_over_sigI_obs    7.700 
_reflns_shell.pdbx_redundancy        11.00 
_reflns_shell.percent_possible_obs   ? 
_reflns_shell.number_unique_all      ? 
_reflns_shell.number_measured_all    ? 
_reflns_shell.number_measured_obs    ? 
_reflns_shell.number_unique_obs      ? 
_reflns_shell.pdbx_chi_squared       ? 
_reflns_shell.pdbx_diffrn_id         ? 
_reflns_shell.pdbx_ordinal           1 
# 
_refine.pdbx_refine_id                           'X-RAY DIFFRACTION' 
_refine.entry_id                                 3NJ6 
_refine.ls_number_reflns_obs                     21748 
_refine.ls_number_reflns_all                     21748 
_refine.pdbx_ls_sigma_I                          ? 
_refine.pdbx_ls_sigma_F                          1.340 
_refine.pdbx_data_cutoff_high_absF               ? 
_refine.pdbx_data_cutoff_low_absF                ? 
_refine.pdbx_data_cutoff_high_rms_absF           ? 
_refine.ls_d_res_low                             23.21 
_refine.ls_d_res_high                            0.95 
_refine.ls_percent_reflns_obs                    99.7 
_refine.ls_R_factor_obs                          0.106 
_refine.ls_R_factor_all                          ? 
_refine.ls_R_factor_R_work                       0.106 
_refine.ls_R_factor_R_free                       ? 
_refine.ls_R_factor_R_free_error                 ? 
_refine.ls_R_factor_R_free_error_details         ? 
_refine.ls_percent_reflns_R_free                 100.000 
_refine.ls_number_reflns_R_free                  0 
_refine.ls_number_parameters                     ? 
_refine.ls_number_restraints                     ? 
_refine.occupancy_min                            0.15 
_refine.occupancy_max                            1.00 
_refine.correlation_coeff_Fo_to_Fc               ? 
_refine.correlation_coeff_Fo_to_Fc_free          ? 
_refine.B_iso_mean                               11.44 
_refine.aniso_B[1][1]                            0.00000 
_refine.aniso_B[2][2]                            0.00000 
_refine.aniso_B[3][3]                            0.00000 
_refine.aniso_B[1][2]                            0.00000 
_refine.aniso_B[1][3]                            0.00000 
_refine.aniso_B[2][3]                            0.00000 
_refine.solvent_model_details                    'FLAT BULK SOLVENT MODEL' 
_refine.solvent_model_param_ksol                 0.41 
_refine.solvent_model_param_bsol                 44.58 
_refine.pdbx_solvent_vdw_probe_radii             1.11 
_refine.pdbx_solvent_ion_probe_radii             ? 
_refine.pdbx_solvent_shrinkage_radii             0.90 
_refine.pdbx_ls_cross_valid_method               ? 
_refine.details                                  ? 
_refine.pdbx_starting_model                      'A-RNA HELIX' 
_refine.pdbx_method_to_determine_struct          'MOLECULAR REPLACEMENT' 
_refine.pdbx_isotropic_thermal_model             anisotropic 
_refine.pdbx_stereochemistry_target_values       ML 
_refine.pdbx_stereochem_target_val_spec_case     ? 
_refine.pdbx_R_Free_selection_details            ? 
_refine.pdbx_overall_ESU_R_Free                  ? 
_refine.overall_SU_ML                            0.080 
_refine.pdbx_overall_phase_error                 ? 
_refine.overall_SU_B                             ? 
_refine.overall_SU_R_Cruickshank_DPI             ? 
_refine.pdbx_overall_SU_R_free_Cruickshank_DPI   ? 
_refine.pdbx_overall_SU_R_Blow_DPI               ? 
_refine.pdbx_overall_SU_R_free_Blow_DPI          ? 
_refine.ls_redundancy_reflns_obs                 ? 
_refine.overall_SU_R_free                        ? 
_refine.ls_wR_factor_R_free                      ? 
_refine.ls_wR_factor_R_work                      ? 
_refine.overall_FOM_free_R_set                   ? 
_refine.overall_FOM_work_R_set                   ? 
_refine.pdbx_overall_ESU_R                       ? 
_refine.pdbx_diffrn_id                           1 
_refine.pdbx_TLS_residual_ADP_flag               ? 
# 
_refine_analyze.pdbx_refine_id                  'X-RAY DIFFRACTION' 
_refine_analyze.entry_id                        3NJ6 
_refine_analyze.Luzzati_coordinate_error_obs    ? 
_refine_analyze.Luzzati_sigma_a_obs             0.08 
_refine_analyze.Luzzati_d_res_low_obs           ? 
_refine_analyze.Luzzati_coordinate_error_free   ? 
_refine_analyze.Luzzati_sigma_a_free            ? 
_refine_analyze.Luzzati_d_res_low_free          ? 
_refine_analyze.number_disordered_residues      ? 
_refine_analyze.occupancy_sum_hydrogen          ? 
_refine_analyze.occupancy_sum_non_hydrogen      ? 
# 
_refine_hist.pdbx_refine_id                   'X-RAY DIFFRACTION' 
_refine_hist.cycle_id                         LAST 
_refine_hist.pdbx_number_atoms_protein        0 
_refine_hist.pdbx_number_atoms_nucleic_acid   213 
_refine_hist.pdbx_number_atoms_ligand         5 
_refine_hist.number_atoms_solvent             76 
_refine_hist.number_atoms_total               294 
_refine_hist.d_res_high                       0.95 
_refine_hist.d_res_low                        23.21 
# 
loop_
_refine_ls_restr.type 
_refine_ls_restr.dev_ideal 
_refine_ls_restr.dev_ideal_target 
_refine_ls_restr.weight 
_refine_ls_restr.number 
_refine_ls_restr.pdbx_refine_id 
_refine_ls_restr.pdbx_restraint_function 
f_bond_d           0.016  ? ? 242 'X-RAY DIFFRACTION' ? 
f_angle_d          1.996  ? ? 376 'X-RAY DIFFRACTION' ? 
f_dihedral_angle_d 14.302 ? ? 96  'X-RAY DIFFRACTION' ? 
f_chiral_restr     0.098  ? ? 49  'X-RAY DIFFRACTION' ? 
f_plane_restr      0.031  ? ? 10  'X-RAY DIFFRACTION' ? 
# 
loop_
_refine_ls_shell.pdbx_refine_id 
_refine_ls_shell.pdbx_total_number_of_bins_used 
_refine_ls_shell.d_res_high 
_refine_ls_shell.d_res_low 
_refine_ls_shell.number_reflns_R_work 
_refine_ls_shell.R_factor_R_work 
_refine_ls_shell.percent_reflns_obs 
_refine_ls_shell.R_factor_R_free 
_refine_ls_shell.R_factor_R_free_error 
_refine_ls_shell.percent_reflns_R_free 
_refine_ls_shell.number_reflns_R_free 
_refine_ls_shell.number_reflns_all 
_refine_ls_shell.R_factor_all 
_refine_ls_shell.redundancy_reflns_obs 
_refine_ls_shell.number_reflns_obs 
'X-RAY DIFFRACTION' . 0.9520 0.9630  699 0.1110 94.00  0.1110 . . 699 . . . . 
'X-RAY DIFFRACTION' . 0.9630 0.9740  690 0.1010 99.00  0.1010 . . 690 . . . . 
'X-RAY DIFFRACTION' . 0.9740 0.9860  744 0.0940 100.00 0.0940 . . 744 . . . . 
'X-RAY DIFFRACTION' . 0.9860 0.9980  687 0.0870 100.00 0.0870 . . 687 . . . . 
'X-RAY DIFFRACTION' . 0.9980 1.0120  725 0.0820 100.00 0.0820 . . 725 . . . . 
'X-RAY DIFFRACTION' . 1.0120 1.0250  709 0.0720 100.00 0.0720 . . 709 . . . . 
'X-RAY DIFFRACTION' . 1.0250 1.0400  733 0.0750 100.00 0.0750 . . 733 . . . . 
'X-RAY DIFFRACTION' . 1.0400 1.0560  719 0.0740 100.00 0.0740 . . 719 . . . . 
'X-RAY DIFFRACTION' . 1.0560 1.0720  718 0.0680 100.00 0.0680 . . 718 . . . . 
'X-RAY DIFFRACTION' . 1.0720 1.0900  704 0.0620 100.00 0.0620 . . 704 . . . . 
'X-RAY DIFFRACTION' . 1.0900 1.1090  713 0.0650 100.00 0.0650 . . 713 . . . . 
'X-RAY DIFFRACTION' . 1.1090 1.1290  727 0.0660 100.00 0.0660 . . 727 . . . . 
'X-RAY DIFFRACTION' . 1.1290 1.1500  711 0.0640 100.00 0.0640 . . 711 . . . . 
'X-RAY DIFFRACTION' . 1.1500 1.1740  718 0.0590 100.00 0.0590 . . 718 . . . . 
'X-RAY DIFFRACTION' . 1.1740 1.1990  737 0.0660 100.00 0.0660 . . 737 . . . . 
'X-RAY DIFFRACTION' . 1.1990 1.2270  727 0.0660 100.00 0.0660 . . 727 . . . . 
'X-RAY DIFFRACTION' . 1.2270 1.2580  705 0.0710 100.00 0.0710 . . 705 . . . . 
'X-RAY DIFFRACTION' . 1.2580 1.2920  731 0.0670 100.00 0.0670 . . 731 . . . . 
'X-RAY DIFFRACTION' . 1.2920 1.3300  723 0.0710 100.00 0.0710 . . 723 . . . . 
'X-RAY DIFFRACTION' . 1.3300 1.3730  728 0.0730 100.00 0.0730 . . 728 . . . . 
'X-RAY DIFFRACTION' . 1.3730 1.4220  724 0.0800 100.00 0.0800 . . 724 . . . . 
'X-RAY DIFFRACTION' . 1.4220 1.4790  732 0.0810 100.00 0.0810 . . 732 . . . . 
'X-RAY DIFFRACTION' . 1.4790 1.5460  732 0.0910 100.00 0.0910 . . 732 . . . . 
'X-RAY DIFFRACTION' . 1.5460 1.6280  716 0.0910 100.00 0.0910 . . 716 . . . . 
'X-RAY DIFFRACTION' . 1.6280 1.7300  739 0.0910 100.00 0.0910 . . 739 . . . . 
'X-RAY DIFFRACTION' . 1.7300 1.8630  724 0.1020 100.00 0.1020 . . 724 . . . . 
'X-RAY DIFFRACTION' . 1.8630 2.0500  742 0.1210 100.00 0.1210 . . 742 . . . . 
'X-RAY DIFFRACTION' . 2.0500 2.3470  740 0.1260 100.00 0.1260 . . 740 . . . . 
'X-RAY DIFFRACTION' . 2.3470 2.9560  759 0.1410 100.00 0.1410 . . 759 . . . . 
'X-RAY DIFFRACTION' . 2.9560 23.2200 792 0.1490 99.00  0.1490 . . 792 . . . . 
# 
_struct.entry_id                  3NJ6 
_struct.title                     '0.95 A resolution X-ray structure of (GGCAGCAGCC)2' 
_struct.pdbx_model_details        ? 
_struct.pdbx_CASP_flag            ? 
_struct.pdbx_model_type_details   ? 
# 
_struct_keywords.entry_id        3NJ6 
_struct_keywords.pdbx_keywords   RNA 
_struct_keywords.text            'CAG repeats, polyQ diseases, RNA' 
# 
loop_
_struct_asym.id 
_struct_asym.pdbx_blank_PDB_chainid_flag 
_struct_asym.pdbx_modified 
_struct_asym.entity_id 
_struct_asym.details 
A N N 1 ? 
B N N 2 ? 
C N N 3 ? 
# 
_struct_ref.id                         1 
_struct_ref.db_name                    PDB 
_struct_ref.db_code                    3NJ6 
_struct_ref.pdbx_db_accession          3NJ6 
_struct_ref.entity_id                  1 
_struct_ref.pdbx_align_begin           ? 
_struct_ref.pdbx_seq_one_letter_code   GGCAGCAGCC 
_struct_ref.pdbx_db_isoform            ? 
# 
_struct_ref_seq.align_id                      1 
_struct_ref_seq.ref_id                        1 
_struct_ref_seq.pdbx_PDB_id_code              3NJ6 
_struct_ref_seq.pdbx_strand_id                A 
_struct_ref_seq.seq_align_beg                 1 
_struct_ref_seq.pdbx_seq_align_beg_ins_code   ? 
_struct_ref_seq.seq_align_end                 10 
_struct_ref_seq.pdbx_seq_align_end_ins_code   ? 
_struct_ref_seq.pdbx_db_accession             3NJ6 
_struct_ref_seq.db_align_beg                  1 
_struct_ref_seq.pdbx_db_align_beg_ins_code    ? 
_struct_ref_seq.db_align_end                  10 
_struct_ref_seq.pdbx_db_align_end_ins_code    ? 
_struct_ref_seq.pdbx_auth_seq_align_beg       1 
_struct_ref_seq.pdbx_auth_seq_align_end       10 
# 
_pdbx_struct_assembly.id                   1 
_pdbx_struct_assembly.details              author_and_software_defined_assembly 
_pdbx_struct_assembly.method_details       PISA 
_pdbx_struct_assembly.oligomeric_details   dimeric 
_pdbx_struct_assembly.oligomeric_count     2 
# 
loop_
_pdbx_struct_assembly_prop.biol_id 
_pdbx_struct_assembly_prop.type 
_pdbx_struct_assembly_prop.value 
_pdbx_struct_assembly_prop.details 
1 'ABSA (A^2)' 970  ? 
1 MORE         -4   ? 
1 'SSA (A^2)'  3900 ? 
# 
_pdbx_struct_assembly_gen.assembly_id       1 
_pdbx_struct_assembly_gen.oper_expression   1,2 
_pdbx_struct_assembly_gen.asym_id_list      A,B,C 
# 
loop_
_pdbx_struct_oper_list.id 
_pdbx_struct_oper_list.type 
_pdbx_struct_oper_list.name 
_pdbx_struct_oper_list.symmetry_operation 
_pdbx_struct_oper_list.matrix[1][1] 
_pdbx_struct_oper_list.matrix[1][2] 
_pdbx_struct_oper_list.matrix[1][3] 
_pdbx_struct_oper_list.vector[1] 
_pdbx_struct_oper_list.matrix[2][1] 
_pdbx_struct_oper_list.matrix[2][2] 
_pdbx_struct_oper_list.matrix[2][3] 
_pdbx_struct_oper_list.vector[2] 
_pdbx_struct_oper_list.matrix[3][1] 
_pdbx_struct_oper_list.matrix[3][2] 
_pdbx_struct_oper_list.matrix[3][3] 
_pdbx_struct_oper_list.vector[3] 
1 'identity operation'         1_555 x,y,z      1.0000000000 0.0000000000  0.0000000000 0.0000000000  0.0000000000  1.0000000000  0.0000000000  0.0000000000  0.0000000000 0.0000000000  1.0000000000  0.0000000000 
2 'crystal symmetry operation' 6_555 -x,-x+y,-z 0.6509881587 -0.7273494129 0.2172032432 -1.1381710394 -0.7273494129 -0.6795633175 -0.0956897544 -1.1390739001 0.2172032432 -0.0956897544 -0.9714248412 4.8369543705 
# 
_struct_biol.id        1 
_struct_biol.details   ? 
# 
loop_
_struct_conn.id 
_struct_conn.conn_type_id 
_struct_conn.pdbx_leaving_atom_flag 
_struct_conn.pdbx_PDB_id 
_struct_conn.ptnr1_label_asym_id 
_struct_conn.ptnr1_label_comp_id 
_struct_conn.ptnr1_label_seq_id 
_struct_conn.ptnr1_label_atom_id 
_struct_conn.pdbx_ptnr1_label_alt_id 
_struct_conn.pdbx_ptnr1_PDB_ins_code 
_struct_conn.pdbx_ptnr1_standard_comp_id 
_struct_conn.ptnr1_symmetry 
_struct_conn.ptnr2_label_asym_id 
_struct_conn.ptnr2_label_comp_id 
_struct_conn.ptnr2_label_seq_id 
_struct_conn.ptnr2_label_atom_id 
_struct_conn.pdbx_ptnr2_label_alt_id 
_struct_conn.pdbx_ptnr2_PDB_ins_code 
_struct_conn.ptnr1_auth_asym_id 
_struct_conn.ptnr1_auth_comp_id 
_struct_conn.ptnr1_auth_seq_id 
_struct_conn.ptnr2_auth_asym_id 
_struct_conn.ptnr2_auth_comp_id 
_struct_conn.ptnr2_auth_seq_id 
_struct_conn.ptnr2_symmetry 
_struct_conn.pdbx_ptnr3_label_atom_id 
_struct_conn.pdbx_ptnr3_label_seq_id 
_struct_conn.pdbx_ptnr3_label_comp_id 
_struct_conn.pdbx_ptnr3_label_asym_id 
_struct_conn.pdbx_ptnr3_label_alt_id 
_struct_conn.pdbx_ptnr3_PDB_ins_code 
_struct_conn.details 
_struct_conn.pdbx_dist_value 
_struct_conn.pdbx_value_order 
_struct_conn.pdbx_role 
hydrog1  hydrog ? ? A G 1  N1 ? ? ? 1_555 A C 10 N3 ? ? A G 1  A C 10 6_555 ? ? ? ? ? ? WATSON-CRICK ? ? ? 
hydrog2  hydrog ? ? A G 1  N2 ? ? ? 1_555 A C 10 O2 ? ? A G 1  A C 10 6_555 ? ? ? ? ? ? WATSON-CRICK ? ? ? 
hydrog3  hydrog ? ? A G 1  O6 ? ? ? 1_555 A C 10 N4 ? ? A G 1  A C 10 6_555 ? ? ? ? ? ? WATSON-CRICK ? ? ? 
hydrog4  hydrog ? ? A G 2  N1 ? ? ? 1_555 A C 9  N3 ? ? A G 2  A C 9  6_555 ? ? ? ? ? ? WATSON-CRICK ? ? ? 
hydrog5  hydrog ? ? A G 2  N2 ? ? ? 1_555 A C 9  O2 ? ? A G 2  A C 9  6_555 ? ? ? ? ? ? WATSON-CRICK ? ? ? 
hydrog6  hydrog ? ? A G 2  O6 ? ? ? 1_555 A C 9  N4 ? ? A G 2  A C 9  6_555 ? ? ? ? ? ? WATSON-CRICK ? ? ? 
hydrog7  hydrog ? ? A C 3  N3 ? ? ? 1_555 A G 8  N1 ? ? A C 3  A G 8  6_555 ? ? ? ? ? ? WATSON-CRICK ? ? ? 
hydrog8  hydrog ? ? A C 3  N4 ? ? ? 1_555 A G 8  O6 ? ? A C 3  A G 8  6_555 ? ? ? ? ? ? WATSON-CRICK ? ? ? 
hydrog9  hydrog ? ? A C 3  O2 ? ? ? 1_555 A G 8  N2 ? ? A C 3  A G 8  6_555 ? ? ? ? ? ? WATSON-CRICK ? ? ? 
hydrog10 hydrog ? ? A G 5  N1 ? ? ? 1_555 A C 6  N3 ? ? A G 5  A C 6  6_555 ? ? ? ? ? ? WATSON-CRICK ? ? ? 
hydrog11 hydrog ? ? A G 5  N2 ? ? ? 1_555 A C 6  O2 ? ? A G 5  A C 6  6_555 ? ? ? ? ? ? WATSON-CRICK ? ? ? 
hydrog12 hydrog ? ? A G 5  O6 ? ? ? 1_555 A C 6  N4 ? ? A G 5  A C 6  6_555 ? ? ? ? ? ? WATSON-CRICK ? ? ? 
hydrog13 hydrog ? ? A C 6  N3 ? ? ? 1_555 A G 5  N1 ? ? A C 6  A G 5  6_555 ? ? ? ? ? ? WATSON-CRICK ? ? ? 
hydrog14 hydrog ? ? A C 6  N4 ? ? ? 1_555 A G 5  O6 ? ? A C 6  A G 5  6_555 ? ? ? ? ? ? WATSON-CRICK ? ? ? 
hydrog15 hydrog ? ? A C 6  O2 ? ? ? 1_555 A G 5  N2 ? ? A C 6  A G 5  6_555 ? ? ? ? ? ? WATSON-CRICK ? ? ? 
hydrog16 hydrog ? ? A G 8  N1 ? ? ? 1_555 A C 3  N3 ? ? A G 8  A C 3  6_555 ? ? ? ? ? ? WATSON-CRICK ? ? ? 
hydrog17 hydrog ? ? A G 8  N2 ? ? ? 1_555 A C 3  O2 ? ? A G 8  A C 3  6_555 ? ? ? ? ? ? WATSON-CRICK ? ? ? 
hydrog18 hydrog ? ? A G 8  O6 ? ? ? 1_555 A C 3  N4 ? ? A G 8  A C 3  6_555 ? ? ? ? ? ? WATSON-CRICK ? ? ? 
hydrog19 hydrog ? ? A C 9  N3 ? ? ? 1_555 A G 2  N1 ? ? A C 9  A G 2  6_555 ? ? ? ? ? ? WATSON-CRICK ? ? ? 
hydrog20 hydrog ? ? A C 9  N4 ? ? ? 1_555 A G 2  O6 ? ? A C 9  A G 2  6_555 ? ? ? ? ? ? WATSON-CRICK ? ? ? 
hydrog21 hydrog ? ? A C 9  O2 ? ? ? 1_555 A G 2  N2 ? ? A C 9  A G 2  6_555 ? ? ? ? ? ? WATSON-CRICK ? ? ? 
hydrog22 hydrog ? ? A C 10 N3 ? ? ? 1_555 A G 1  N1 ? ? A C 10 A G 1  6_555 ? ? ? ? ? ? WATSON-CRICK ? ? ? 
hydrog23 hydrog ? ? A C 10 N4 ? ? ? 1_555 A G 1  O6 ? ? A C 10 A G 1  6_555 ? ? ? ? ? ? WATSON-CRICK ? ? ? 
hydrog24 hydrog ? ? A C 10 O2 ? ? ? 1_555 A G 1  N2 ? ? A C 10 A G 1  6_555 ? ? ? ? ? ? WATSON-CRICK ? ? ? 
# 
_struct_conn_type.id          hydrog 
_struct_conn_type.criteria    ? 
_struct_conn_type.reference   ? 
# 
_struct_site.id                   AC1 
_struct_site.pdbx_evidence_code   Software 
_struct_site.pdbx_auth_asym_id    A 
_struct_site.pdbx_auth_comp_id    SO4 
_struct_site.pdbx_auth_seq_id     11 
_struct_site.pdbx_auth_ins_code   ? 
_struct_site.pdbx_num_residues    9 
_struct_site.details              'BINDING SITE FOR RESIDUE SO4 A 11' 
# 
loop_
_struct_site_gen.id 
_struct_site_gen.site_id 
_struct_site_gen.pdbx_num_res 
_struct_site_gen.label_comp_id 
_struct_site_gen.label_asym_id 
_struct_site_gen.label_seq_id 
_struct_site_gen.pdbx_auth_ins_code 
_struct_site_gen.auth_comp_id 
_struct_site_gen.auth_asym_id 
_struct_site_gen.auth_seq_id 
_struct_site_gen.label_atom_id 
_struct_site_gen.label_alt_id 
_struct_site_gen.symmetry 
_struct_site_gen.details 
1 AC1 9 A   A 4 ? A   A 4  . ? 6_555 ? 
2 AC1 9 A   A 7 ? A   A 7  . ? 1_555 ? 
3 AC1 9 HOH C . ? HOH A 17 . ? 1_555 ? 
4 AC1 9 HOH C . ? HOH A 22 . ? 1_555 ? 
5 AC1 9 HOH C . ? HOH A 29 . ? 1_555 ? 
6 AC1 9 HOH C . ? HOH A 35 . ? 6_555 ? 
7 AC1 9 HOH C . ? HOH A 59 . ? 1_555 ? 
8 AC1 9 HOH C . ? HOH A 77 . ? 1_555 ? 
9 AC1 9 HOH C . ? HOH A 89 . ? 1_555 ? 
# 
_pdbx_validate_rmsd_angle.id                         1 
_pdbx_validate_rmsd_angle.PDB_model_num              1 
_pdbx_validate_rmsd_angle.auth_atom_id_1             C4 
_pdbx_validate_rmsd_angle.auth_asym_id_1             A 
_pdbx_validate_rmsd_angle.auth_comp_id_1             C 
_pdbx_validate_rmsd_angle.auth_seq_id_1              9 
_pdbx_validate_rmsd_angle.PDB_ins_code_1             ? 
_pdbx_validate_rmsd_angle.label_alt_id_1             ? 
_pdbx_validate_rmsd_angle.auth_atom_id_2             C5 
_pdbx_validate_rmsd_angle.auth_asym_id_2             A 
_pdbx_validate_rmsd_angle.auth_comp_id_2             C 
_pdbx_validate_rmsd_angle.auth_seq_id_2              9 
_pdbx_validate_rmsd_angle.PDB_ins_code_2             ? 
_pdbx_validate_rmsd_angle.label_alt_id_2             ? 
_pdbx_validate_rmsd_angle.auth_atom_id_3             C6 
_pdbx_validate_rmsd_angle.auth_asym_id_3             A 
_pdbx_validate_rmsd_angle.auth_comp_id_3             C 
_pdbx_validate_rmsd_angle.auth_seq_id_3              9 
_pdbx_validate_rmsd_angle.PDB_ins_code_3             ? 
_pdbx_validate_rmsd_angle.label_alt_id_3             ? 
_pdbx_validate_rmsd_angle.angle_value                114.36 
_pdbx_validate_rmsd_angle.angle_target_value         117.40 
_pdbx_validate_rmsd_angle.angle_deviation            -3.04 
_pdbx_validate_rmsd_angle.angle_standard_deviation   0.50 
_pdbx_validate_rmsd_angle.linker_flag                N 
# 
_pdbx_validate_planes.id              1 
_pdbx_validate_planes.PDB_model_num   1 
_pdbx_validate_planes.auth_comp_id    G 
_pdbx_validate_planes.auth_asym_id    A 
_pdbx_validate_planes.auth_seq_id     2 
_pdbx_validate_planes.PDB_ins_code    ? 
_pdbx_validate_planes.label_alt_id    ? 
_pdbx_validate_planes.rmsd            0.056 
_pdbx_validate_planes.type            'SIDE CHAIN' 
# 
loop_
_pdbx_struct_special_symmetry.id 
_pdbx_struct_special_symmetry.PDB_model_num 
_pdbx_struct_special_symmetry.auth_asym_id 
_pdbx_struct_special_symmetry.auth_comp_id 
_pdbx_struct_special_symmetry.auth_seq_id 
_pdbx_struct_special_symmetry.PDB_ins_code 
_pdbx_struct_special_symmetry.label_asym_id 
_pdbx_struct_special_symmetry.label_comp_id 
_pdbx_struct_special_symmetry.label_seq_id 
1 1 A HOH 12 ? C HOH . 
2 1 A HOH 18 ? C HOH . 
3 1 A HOH 25 ? C HOH . 
4 1 A HOH 39 ? C HOH . 
5 1 A HOH 56 ? C HOH . 
6 1 A HOH 62 ? C HOH . 
# 
_pdbx_phasing_MR.entry_id                     3NJ6 
_pdbx_phasing_MR.method_rotation              ? 
_pdbx_phasing_MR.method_translation           ? 
_pdbx_phasing_MR.model_details                'Phaser MODE: MR_AUTO' 
_pdbx_phasing_MR.R_factor                     61.160 
_pdbx_phasing_MR.R_rigid_body                 ? 
_pdbx_phasing_MR.correlation_coeff_Fo_to_Fc   ? 
_pdbx_phasing_MR.correlation_coeff_Io_to_Ic   ? 
_pdbx_phasing_MR.d_res_high_rotation          2.500 
_pdbx_phasing_MR.d_res_low_rotation           23.210 
_pdbx_phasing_MR.d_res_high_translation       2.500 
_pdbx_phasing_MR.d_res_low_translation        23.210 
_pdbx_phasing_MR.packing                      ? 
_pdbx_phasing_MR.reflns_percent_rotation      ? 
_pdbx_phasing_MR.reflns_percent_translation   ? 
_pdbx_phasing_MR.sigma_F_rotation             ? 
_pdbx_phasing_MR.sigma_F_translation          ? 
_pdbx_phasing_MR.sigma_I_rotation             ? 
_pdbx_phasing_MR.sigma_I_translation          ? 
# 
loop_
_chem_comp_atom.comp_id 
_chem_comp_atom.atom_id 
_chem_comp_atom.type_symbol 
_chem_comp_atom.pdbx_aromatic_flag 
_chem_comp_atom.pdbx_stereo_config 
_chem_comp_atom.pdbx_ordinal 
A   OP3    O N N 1   
A   P      P N N 2   
A   OP1    O N N 3   
A   OP2    O N N 4   
A   "O5'"  O N N 5   
A   "C5'"  C N N 6   
A   "C4'"  C N R 7   
A   "O4'"  O N N 8   
A   "C3'"  C N S 9   
A   "O3'"  O N N 10  
A   "C2'"  C N R 11  
A   "O2'"  O N N 12  
A   "C1'"  C N R 13  
A   N9     N Y N 14  
A   C8     C Y N 15  
A   N7     N Y N 16  
A   C5     C Y N 17  
A   C6     C Y N 18  
A   N6     N N N 19  
A   N1     N Y N 20  
A   C2     C Y N 21  
A   N3     N Y N 22  
A   C4     C Y N 23  
A   HOP3   H N N 24  
A   HOP2   H N N 25  
A   "H5'"  H N N 26  
A   "H5''" H N N 27  
A   "H4'"  H N N 28  
A   "H3'"  H N N 29  
A   "HO3'" H N N 30  
A   "H2'"  H N N 31  
A   "HO2'" H N N 32  
A   "H1'"  H N N 33  
A   H8     H N N 34  
A   H61    H N N 35  
A   H62    H N N 36  
A   H2     H N N 37  
C   OP3    O N N 38  
C   P      P N N 39  
C   OP1    O N N 40  
C   OP2    O N N 41  
C   "O5'"  O N N 42  
C   "C5'"  C N N 43  
C   "C4'"  C N R 44  
C   "O4'"  O N N 45  
C   "C3'"  C N S 46  
C   "O3'"  O N N 47  
C   "C2'"  C N R 48  
C   "O2'"  O N N 49  
C   "C1'"  C N R 50  
C   N1     N N N 51  
C   C2     C N N 52  
C   O2     O N N 53  
C   N3     N N N 54  
C   C4     C N N 55  
C   N4     N N N 56  
C   C5     C N N 57  
C   C6     C N N 58  
C   HOP3   H N N 59  
C   HOP2   H N N 60  
C   "H5'"  H N N 61  
C   "H5''" H N N 62  
C   "H4'"  H N N 63  
C   "H3'"  H N N 64  
C   "HO3'" H N N 65  
C   "H2'"  H N N 66  
C   "HO2'" H N N 67  
C   "H1'"  H N N 68  
C   H41    H N N 69  
C   H42    H N N 70  
C   H5     H N N 71  
C   H6     H N N 72  
G   OP3    O N N 73  
G   P      P N N 74  
G   OP1    O N N 75  
G   OP2    O N N 76  
G   "O5'"  O N N 77  
G   "C5'"  C N N 78  
G   "C4'"  C N R 79  
G   "O4'"  O N N 80  
G   "C3'"  C N S 81  
G   "O3'"  O N N 82  
G   "C2'"  C N R 83  
G   "O2'"  O N N 84  
G   "C1'"  C N R 85  
G   N9     N Y N 86  
G   C8     C Y N 87  
G   N7     N Y N 88  
G   C5     C Y N 89  
G   C6     C N N 90  
G   O6     O N N 91  
G   N1     N N N 92  
G   C2     C N N 93  
G   N2     N N N 94  
G   N3     N N N 95  
G   C4     C Y N 96  
G   HOP3   H N N 97  
G   HOP2   H N N 98  
G   "H5'"  H N N 99  
G   "H5''" H N N 100 
G   "H4'"  H N N 101 
G   "H3'"  H N N 102 
G   "HO3'" H N N 103 
G   "H2'"  H N N 104 
G   "HO2'" H N N 105 
G   "H1'"  H N N 106 
G   H8     H N N 107 
G   H1     H N N 108 
G   H21    H N N 109 
G   H22    H N N 110 
HOH O      O N N 111 
HOH H1     H N N 112 
HOH H2     H N N 113 
SO4 S      S N N 114 
SO4 O1     O N N 115 
SO4 O2     O N N 116 
SO4 O3     O N N 117 
SO4 O4     O N N 118 
# 
loop_
_chem_comp_bond.comp_id 
_chem_comp_bond.atom_id_1 
_chem_comp_bond.atom_id_2 
_chem_comp_bond.value_order 
_chem_comp_bond.pdbx_aromatic_flag 
_chem_comp_bond.pdbx_stereo_config 
_chem_comp_bond.pdbx_ordinal 
A   OP3   P      sing N N 1   
A   OP3   HOP3   sing N N 2   
A   P     OP1    doub N N 3   
A   P     OP2    sing N N 4   
A   P     "O5'"  sing N N 5   
A   OP2   HOP2   sing N N 6   
A   "O5'" "C5'"  sing N N 7   
A   "C5'" "C4'"  sing N N 8   
A   "C5'" "H5'"  sing N N 9   
A   "C5'" "H5''" sing N N 10  
A   "C4'" "O4'"  sing N N 11  
A   "C4'" "C3'"  sing N N 12  
A   "C4'" "H4'"  sing N N 13  
A   "O4'" "C1'"  sing N N 14  
A   "C3'" "O3'"  sing N N 15  
A   "C3'" "C2'"  sing N N 16  
A   "C3'" "H3'"  sing N N 17  
A   "O3'" "HO3'" sing N N 18  
A   "C2'" "O2'"  sing N N 19  
A   "C2'" "C1'"  sing N N 20  
A   "C2'" "H2'"  sing N N 21  
A   "O2'" "HO2'" sing N N 22  
A   "C1'" N9     sing N N 23  
A   "C1'" "H1'"  sing N N 24  
A   N9    C8     sing Y N 25  
A   N9    C4     sing Y N 26  
A   C8    N7     doub Y N 27  
A   C8    H8     sing N N 28  
A   N7    C5     sing Y N 29  
A   C5    C6     sing Y N 30  
A   C5    C4     doub Y N 31  
A   C6    N6     sing N N 32  
A   C6    N1     doub Y N 33  
A   N6    H61    sing N N 34  
A   N6    H62    sing N N 35  
A   N1    C2     sing Y N 36  
A   C2    N3     doub Y N 37  
A   C2    H2     sing N N 38  
A   N3    C4     sing Y N 39  
C   OP3   P      sing N N 40  
C   OP3   HOP3   sing N N 41  
C   P     OP1    doub N N 42  
C   P     OP2    sing N N 43  
C   P     "O5'"  sing N N 44  
C   OP2   HOP2   sing N N 45  
C   "O5'" "C5'"  sing N N 46  
C   "C5'" "C4'"  sing N N 47  
C   "C5'" "H5'"  sing N N 48  
C   "C5'" "H5''" sing N N 49  
C   "C4'" "O4'"  sing N N 50  
C   "C4'" "C3'"  sing N N 51  
C   "C4'" "H4'"  sing N N 52  
C   "O4'" "C1'"  sing N N 53  
C   "C3'" "O3'"  sing N N 54  
C   "C3'" "C2'"  sing N N 55  
C   "C3'" "H3'"  sing N N 56  
C   "O3'" "HO3'" sing N N 57  
C   "C2'" "O2'"  sing N N 58  
C   "C2'" "C1'"  sing N N 59  
C   "C2'" "H2'"  sing N N 60  
C   "O2'" "HO2'" sing N N 61  
C   "C1'" N1     sing N N 62  
C   "C1'" "H1'"  sing N N 63  
C   N1    C2     sing N N 64  
C   N1    C6     sing N N 65  
C   C2    O2     doub N N 66  
C   C2    N3     sing N N 67  
C   N3    C4     doub N N 68  
C   C4    N4     sing N N 69  
C   C4    C5     sing N N 70  
C   N4    H41    sing N N 71  
C   N4    H42    sing N N 72  
C   C5    C6     doub N N 73  
C   C5    H5     sing N N 74  
C   C6    H6     sing N N 75  
G   OP3   P      sing N N 76  
G   OP3   HOP3   sing N N 77  
G   P     OP1    doub N N 78  
G   P     OP2    sing N N 79  
G   P     "O5'"  sing N N 80  
G   OP2   HOP2   sing N N 81  
G   "O5'" "C5'"  sing N N 82  
G   "C5'" "C4'"  sing N N 83  
G   "C5'" "H5'"  sing N N 84  
G   "C5'" "H5''" sing N N 85  
G   "C4'" "O4'"  sing N N 86  
G   "C4'" "C3'"  sing N N 87  
G   "C4'" "H4'"  sing N N 88  
G   "O4'" "C1'"  sing N N 89  
G   "C3'" "O3'"  sing N N 90  
G   "C3'" "C2'"  sing N N 91  
G   "C3'" "H3'"  sing N N 92  
G   "O3'" "HO3'" sing N N 93  
G   "C2'" "O2'"  sing N N 94  
G   "C2'" "C1'"  sing N N 95  
G   "C2'" "H2'"  sing N N 96  
G   "O2'" "HO2'" sing N N 97  
G   "C1'" N9     sing N N 98  
G   "C1'" "H1'"  sing N N 99  
G   N9    C8     sing Y N 100 
G   N9    C4     sing Y N 101 
G   C8    N7     doub Y N 102 
G   C8    H8     sing N N 103 
G   N7    C5     sing Y N 104 
G   C5    C6     sing N N 105 
G   C5    C4     doub Y N 106 
G   C6    O6     doub N N 107 
G   C6    N1     sing N N 108 
G   N1    C2     sing N N 109 
G   N1    H1     sing N N 110 
G   C2    N2     sing N N 111 
G   C2    N3     doub N N 112 
G   N2    H21    sing N N 113 
G   N2    H22    sing N N 114 
G   N3    C4     sing N N 115 
HOH O     H1     sing N N 116 
HOH O     H2     sing N N 117 
SO4 S     O1     doub N N 118 
SO4 S     O2     doub N N 119 
SO4 S     O3     sing N N 120 
SO4 S     O4     sing N N 121 
# 
loop_
_ndb_struct_conf_na.entry_id 
_ndb_struct_conf_na.feature 
3NJ6 'a-form double helix'  
3NJ6 'mismatched base pair' 
# 
loop_
_ndb_struct_na_base_pair.model_number 
_ndb_struct_na_base_pair.i_label_asym_id 
_ndb_struct_na_base_pair.i_label_comp_id 
_ndb_struct_na_base_pair.i_label_seq_id 
_ndb_struct_na_base_pair.i_symmetry 
_ndb_struct_na_base_pair.j_label_asym_id 
_ndb_struct_na_base_pair.j_label_comp_id 
_ndb_struct_na_base_pair.j_label_seq_id 
_ndb_struct_na_base_pair.j_symmetry 
_ndb_struct_na_base_pair.shear 
_ndb_struct_na_base_pair.stretch 
_ndb_struct_na_base_pair.stagger 
_ndb_struct_na_base_pair.buckle 
_ndb_struct_na_base_pair.propeller 
_ndb_struct_na_base_pair.opening 
_ndb_struct_na_base_pair.pair_number 
_ndb_struct_na_base_pair.pair_name 
_ndb_struct_na_base_pair.i_auth_asym_id 
_ndb_struct_na_base_pair.i_auth_seq_id 
_ndb_struct_na_base_pair.i_PDB_ins_code 
_ndb_struct_na_base_pair.j_auth_asym_id 
_ndb_struct_na_base_pair.j_auth_seq_id 
_ndb_struct_na_base_pair.j_PDB_ins_code 
_ndb_struct_na_base_pair.hbond_type_28 
_ndb_struct_na_base_pair.hbond_type_12 
1 A G 1 1_555 A C 10 6_555 -0.242 -0.085 -0.119 -7.436 -1.423  -0.536 1 A_G1:C10_A A 1 ? A 10 ? 19 1 
1 A G 2 1_555 A C 9  6_555 -0.311 -0.157 -0.191 -4.930 -10.209 -1.405 2 A_G2:C9_A  A 2 ? A 9  ? 19 1 
1 A C 3 1_555 A G 8  6_555 0.236  -0.167 -0.020 -4.638 -10.973 -1.226 3 A_C3:G8_A  A 3 ? A 8  ? 19 1 
1 A G 1 1_555 A C 10 1_555 -0.242 -0.085 -0.119 -7.436 -1.423  -0.536 4 A_G1:C10_A A 1 ? A 10 ? 19 1 
1 A G 2 1_555 A C 9  1_555 -0.311 -0.157 -0.191 -4.931 -10.209 -1.405 5 A_G2:C9_A  A 2 ? A 9  ? 19 1 
1 A C 3 1_555 A G 8  1_555 0.236  -0.167 -0.020 -4.638 -10.973 -1.226 6 A_C3:G8_A  A 3 ? A 8  ? 19 1 
1 A G 5 1_555 A C 6  6_555 -0.179 -0.091 -0.010 1.899  -5.431  -0.084 7 A_G5:C6_A  A 5 ? A 6  ? 19 1 
1 A C 6 1_555 A G 5  6_555 0.179  -0.091 -0.010 -1.899 -5.431  -0.084 8 A_C6:G5_A  A 6 ? A 5  ? 19 1 
# 
loop_
_ndb_struct_na_base_pair_step.model_number 
_ndb_struct_na_base_pair_step.i_label_asym_id_1 
_ndb_struct_na_base_pair_step.i_label_comp_id_1 
_ndb_struct_na_base_pair_step.i_label_seq_id_1 
_ndb_struct_na_base_pair_step.i_symmetry_1 
_ndb_struct_na_base_pair_step.j_label_asym_id_1 
_ndb_struct_na_base_pair_step.j_label_comp_id_1 
_ndb_struct_na_base_pair_step.j_label_seq_id_1 
_ndb_struct_na_base_pair_step.j_symmetry_1 
_ndb_struct_na_base_pair_step.i_label_asym_id_2 
_ndb_struct_na_base_pair_step.i_label_comp_id_2 
_ndb_struct_na_base_pair_step.i_label_seq_id_2 
_ndb_struct_na_base_pair_step.i_symmetry_2 
_ndb_struct_na_base_pair_step.j_label_asym_id_2 
_ndb_struct_na_base_pair_step.j_label_comp_id_2 
_ndb_struct_na_base_pair_step.j_label_seq_id_2 
_ndb_struct_na_base_pair_step.j_symmetry_2 
_ndb_struct_na_base_pair_step.shift 
_ndb_struct_na_base_pair_step.slide 
_ndb_struct_na_base_pair_step.rise 
_ndb_struct_na_base_pair_step.tilt 
_ndb_struct_na_base_pair_step.roll 
_ndb_struct_na_base_pair_step.twist 
_ndb_struct_na_base_pair_step.x_displacement 
_ndb_struct_na_base_pair_step.y_displacement 
_ndb_struct_na_base_pair_step.helical_rise 
_ndb_struct_na_base_pair_step.inclination 
_ndb_struct_na_base_pair_step.tip 
_ndb_struct_na_base_pair_step.helical_twist 
_ndb_struct_na_base_pair_step.step_number 
_ndb_struct_na_base_pair_step.step_name 
_ndb_struct_na_base_pair_step.i_auth_asym_id_1 
_ndb_struct_na_base_pair_step.i_auth_seq_id_1 
_ndb_struct_na_base_pair_step.i_PDB_ins_code_1 
_ndb_struct_na_base_pair_step.j_auth_asym_id_1 
_ndb_struct_na_base_pair_step.j_auth_seq_id_1 
_ndb_struct_na_base_pair_step.j_PDB_ins_code_1 
_ndb_struct_na_base_pair_step.i_auth_asym_id_2 
_ndb_struct_na_base_pair_step.i_auth_seq_id_2 
_ndb_struct_na_base_pair_step.i_PDB_ins_code_2 
_ndb_struct_na_base_pair_step.j_auth_asym_id_2 
_ndb_struct_na_base_pair_step.j_auth_seq_id_2 
_ndb_struct_na_base_pair_step.j_PDB_ins_code_2 
1 A G 1 1_555 A C 10 6_555 A G 2 1_555 A C 9 6_555 -0.580 -2.208 3.267 -0.921 5.345 29.280 -5.352 0.948 2.845 10.461 1.802 29.767 
1 AA_G1G2:C9C10_AA A 1 ? A 10 ? A 2 ? A 9 ? 
1 A G 2 1_555 A C 9  6_555 A C 3 1_555 A G 8 6_555 -0.251 -1.576 3.308 -1.103 4.900 33.023 -3.536 0.258 3.056 8.558  1.927 33.392 
2 AA_G2C3:G8C9_AA  A 2 ? A 9  ? A 3 ? A 8 ? 
1 A G 1 1_555 A C 10 1_555 A G 2 1_555 A C 9 1_555 -0.580 -2.208 3.267 -0.921 5.345 29.280 -5.352 0.948 2.845 10.461 1.802 29.767 
3 AA_G1G2:C9C10_AA A 1 ? A 10 ? A 2 ? A 9 ? 
1 A G 2 1_555 A C 9  1_555 A C 3 1_555 A G 8 1_555 -0.251 -1.576 3.308 -1.103 4.900 33.023 -3.536 0.258 3.056 8.558  1.927 33.392 
4 AA_G2C3:G8C9_AA  A 2 ? A 9  ? A 3 ? A 8 ? 
1 A G 5 1_555 A C 6  6_555 A C 6 1_555 A G 5 6_555 0.000  -2.169 3.426 0.000  2.957 35.008 -4.045 0.000 3.238 4.905  0.000 35.129 
5 AA_G5C6:G5C6_AA  A 5 ? A 6  ? A 6 ? A 5 ? 
# 
_pdbx_initial_refinement_model.accession_code   ? 
_pdbx_initial_refinement_model.id               1 
_pdbx_initial_refinement_model.entity_id_list   ? 
_pdbx_initial_refinement_model.type             'in silico model' 
_pdbx_initial_refinement_model.source_name      Other 
_pdbx_initial_refinement_model.details          'A-form RNA helix' 
# 
_atom_sites.entry_id                    3NJ6 
_atom_sites.fract_transf_matrix[1][1]   -0.00975651 
_atom_sites.fract_transf_matrix[1][2]   -0.01788791 
_atom_sites.fract_transf_matrix[1][3]   0.01426239 
_atom_sites.fract_transf_matrix[2][1]   0.01469118 
_atom_sites.fract_transf_matrix[2][2]   -0.01756521 
_atom_sites.fract_transf_matrix[2][3]   0.00970564 
_atom_sites.fract_transf_matrix[3][1]   0.00173644 
_atom_sites.fract_transf_matrix[3][2]   0.00686881 
_atom_sites.fract_transf_matrix[3][3]   0.00980272 
_atom_sites.fract_transf_vector[1]      -0.050226 
_atom_sites.fract_transf_vector[2]      0.406537 
_atom_sites.fract_transf_vector[3]      -0.018807 
# 
loop_
_atom_type.symbol 
C 
H 
N 
O 
P 
S 
# 
loop_
_atom_site.group_PDB 
_atom_site.id 
_atom_site.type_symbol 
_atom_site.label_atom_id 
_atom_site.label_alt_id 
_atom_site.label_comp_id 
_atom_site.label_asym_id 
_atom_site.label_entity_id 
_atom_site.label_seq_id 
_atom_site.pdbx_PDB_ins_code 
_atom_site.Cartn_x 
_atom_site.Cartn_y 
_atom_site.Cartn_z 
_atom_site.occupancy 
_atom_site.B_iso_or_equiv 
_atom_site.pdbx_formal_charge 
_atom_site.auth_seq_id 
_atom_site.auth_comp_id 
_atom_site.auth_asym_id 
_atom_site.auth_atom_id 
_atom_site.pdbx_PDB_model_num 
ATOM   1   O "O5'"  . G   A 1 1  ? -8.189  8.587   9.117   1.00 15.82 ? 1  G   A "O5'"  1 
ATOM   2   C "C5'"  . G   A 1 1  ? -9.168  9.483   8.665   1.00 11.60 ? 1  G   A "C5'"  1 
ATOM   3   C "C4'"  . G   A 1 1  ? -8.573  10.791  8.222   1.00 9.71  ? 1  G   A "C4'"  1 
ATOM   4   O "O4'"  . G   A 1 1  ? -7.952  11.479  9.327   1.00 9.62  ? 1  G   A "O4'"  1 
ATOM   5   C "C3'"  . G   A 1 1  ? -7.493  10.766  7.155   1.00 9.44  ? 1  G   A "C3'"  1 
ATOM   6   O "O3'"  . G   A 1 1  ? -8.093  10.605  5.856   1.00 10.51 ? 1  G   A "O3'"  1 
ATOM   7   C "C2'"  . G   A 1 1  ? -6.801  12.084  7.393   1.00 9.11  ? 1  G   A "C2'"  1 
ATOM   8   O "O2'"  . G   A 1 1  ? -7.630  13.132  6.909   1.00 10.41 ? 1  G   A "O2'"  1 
ATOM   9   C "C1'"  . G   A 1 1  ? -6.765  12.103  8.896   1.00 8.96  ? 1  G   A "C1'"  1 
ATOM   10  N N9     . G   A 1 1  ? -5.607  11.367  9.427   1.00 8.68  ? 1  G   A N9     1 
ATOM   11  C C8     . G   A 1 1  ? -5.585  10.250  10.158  1.00 9.56  ? 1  G   A C8     1 
ATOM   12  N N7     . G   A 1 1  ? -4.381  9.819   10.471  1.00 10.21 ? 1  G   A N7     1 
ATOM   13  C C5     . G   A 1 1  ? -3.536  10.754  9.868   1.00 8.76  ? 1  G   A C5     1 
ATOM   14  C C6     . G   A 1 1  ? -2.127  10.837  9.805   1.00 8.38  ? 1  G   A C6     1 
ATOM   15  O O6     . G   A 1 1  ? -1.308  10.069  10.290  1.00 9.77  ? 1  G   A O6     1 
ATOM   16  N N1     . G   A 1 1  ? -1.694  11.967  9.131   1.00 7.55  ? 1  G   A N1     1 
ATOM   17  C C2     . G   A 1 1  ? -2.519  12.887  8.535   1.00 7.43  ? 1  G   A C2     1 
ATOM   18  N N2     . G   A 1 1  ? -1.937  13.897  7.918   1.00 8.18  ? 1  G   A N2     1 
ATOM   19  N N3     . G   A 1 1  ? -3.851  12.802  8.546   1.00 7.64  ? 1  G   A N3     1 
ATOM   20  C C4     . G   A 1 1  ? -4.286  11.725  9.219   1.00 7.96  ? 1  G   A C4     1 
ATOM   21  H "H5'"  . G   A 1 1  ? -9.805  9.652   9.391   1.00 13.92 ? 1  G   A "H5'"  1 
ATOM   22  H "H5''" . G   A 1 1  ? -9.646  9.079   7.911   1.00 13.92 ? 1  G   A "H5''" 1 
ATOM   23  H "H4'"  . G   A 1 1  ? -9.305  11.353  7.892   1.00 11.66 ? 1  G   A "H4'"  1 
ATOM   24  H "H3'"  . G   A 1 1  ? -6.872  10.028  7.329   1.00 11.33 ? 1  G   A "H3'"  1 
ATOM   25  H "H2'"  . G   A 1 1  ? -5.903  12.105  7.001   1.00 10.93 ? 1  G   A "H2'"  1 
ATOM   26  H "HO2'" . G   A 1 1  ? -7.176  13.988  7.052   1.00 12.49 ? 1  G   A "HO2'" 1 
ATOM   27  H "H1'"  . G   A 1 1  ? -6.744  13.029  9.214   1.00 10.76 ? 1  G   A "H1'"  1 
ATOM   28  H H8     . G   A 1 1  ? -6.400  9.774   10.420  1.00 11.48 ? 1  G   A H8     1 
ATOM   29  H H1     . G   A 1 1  ? -0.727  12.106  9.053   1.00 9.05  ? 1  G   A H1     1 
ATOM   30  H H21    . G   A 1 1  ? -0.959  13.966  7.906   1.00 9.81  ? 1  G   A H21    1 
ATOM   31  H H22    . G   A 1 1  ? -2.481  14.578  7.471   1.00 9.81  ? 1  G   A H22    1 
ATOM   32  H "HO5'" . G   A 1 1  ? -8.140  8.353   10.067  1.00 18.98 ? 1  G   A "HO5'" 1 
ATOM   33  P P      . G   A 1 2  ? -7.249  9.945   4.661   1.00 12.89 ? 2  G   A P      1 
ATOM   34  O OP1    . G   A 1 2  ? -8.219  9.801   3.547   1.00 15.51 ? 2  G   A OP1    1 
ATOM   35  O OP2    . G   A 1 2  ? -6.476  8.762   5.117   1.00 13.98 ? 2  G   A OP2    1 
ATOM   36  O "O5'"  . G   A 1 2  ? -6.143  11.012  4.308   1.00 11.87 ? 2  G   A "O5'"  1 
ATOM   37  C "C5'"  . G   A 1 2  ? -6.533  12.267  3.801   1.00 13.09 ? 2  G   A "C5'"  1 
ATOM   38  C "C4'"  . G   A 1 2  ? -5.284  13.155  3.603   1.00 11.27 ? 2  G   A "C4'"  1 
ATOM   39  O "O4'"  . G   A 1 2  ? -4.568  13.260  4.864   1.00 12.86 ? 2  G   A "O4'"  1 
ATOM   40  C "C3'"  . G   A 1 2  ? -4.235  12.574  2.649   1.00 10.57 ? 2  G   A "C3'"  1 
ATOM   41  O "O3'"  . G   A 1 2  ? -4.638  12.852  1.316   1.00 10.78 ? 2  G   A "O3'"  1 
ATOM   42  C "C2'"  . G   A 1 2  ? -3.001  13.369  3.084   1.00 11.38 ? 2  G   A "C2'"  1 
ATOM   43  O "O2'"  . G   A 1 2  ? -3.014  14.714  2.650   1.00 12.45 ? 2  G   A "O2'"  1 
ATOM   44  C "C1'"  . G   A 1 2  ? -3.166  13.295  4.632   1.00 11.71 ? 2  G   A "C1'"  1 
ATOM   45  N N9     . G   A 1 2  ? -2.569  12.108  5.192   1.00 10.62 ? 2  G   A N9     1 
ATOM   46  C C8     . G   A 1 2  ? -3.212  11.062  5.776   1.00 11.18 ? 2  G   A C8     1 
ATOM   47  N N7     . G   A 1 2  ? -2.415  10.223  6.357   1.00 10.66 ? 2  G   A N7     1 
ATOM   48  C C5     . G   A 1 2  ? -1.170  10.716  6.116   1.00 9.71  ? 2  G   A C5     1 
ATOM   49  C C6     . G   A 1 2  ? 0.124   10.257  6.504   1.00 9.31  ? 2  G   A C6     1 
ATOM   50  O O6     . G   A 1 2  ? 0.386   9.269   7.205   1.00 9.60  ? 2  G   A O6     1 
ATOM   51  N N1     . G   A 1 2  ? 1.138   11.103  5.993   1.00 9.03  ? 2  G   A N1     1 
ATOM   52  C C2     . G   A 1 2  ? 0.960   12.215  5.261   1.00 9.14  ? 2  G   A C2     1 
ATOM   53  N N2     . G   A 1 2  ? 2.065   12.871  4.871   1.00 9.62  ? 2  G   A N2     1 
ATOM   54  N N3     . G   A 1 2  ? -0.236  12.660  4.969   1.00 9.75  ? 2  G   A N3     1 
ATOM   55  C C4     . G   A 1 2  ? -1.232  11.888  5.393   1.00 9.89  ? 2  G   A C4     1 
ATOM   56  H "H5'"  . G   A 1 2  ? -7.144  12.699  4.434   1.00 15.71 ? 2  G   A "H5'"  1 
ATOM   57  H "H5''" . G   A 1 2  ? -6.987  12.146  2.940   1.00 15.71 ? 2  G   A "H5''" 1 
ATOM   58  H "H4'"  . G   A 1 2  ? -5.552  14.047  3.300   1.00 13.52 ? 2  G   A "H4'"  1 
ATOM   59  H "H3'"  . G   A 1 2  ? -4.112  11.613  2.798   1.00 12.68 ? 2  G   A "H3'"  1 
ATOM   60  H "H2'"  . G   A 1 2  ? -2.179  12.916  2.802   1.00 13.65 ? 2  G   A "H2'"  1 
ATOM   61  H "HO2'" . G   A 1 2  ? -3.749  14.836  2.013   1.00 14.94 ? 2  G   A "HO2'" 1 
ATOM   62  H "H1'"  . G   A 1 2  ? -2.778  14.093  5.049   1.00 14.05 ? 2  G   A "H1'"  1 
ATOM   63  H H8     . G   A 1 2  ? -4.187  11.014  5.856   1.00 13.42 ? 2  G   A H8     1 
ATOM   64  H H1     . G   A 1 2  ? 2.064   10.842  6.179   1.00 10.84 ? 2  G   A H1     1 
ATOM   65  H H21    . G   A 1 2  ? 2.950   12.520  5.102   1.00 11.55 ? 2  G   A H21    1 
ATOM   66  H H22    . G   A 1 2  ? 1.986   13.702  4.356   1.00 11.55 ? 2  G   A H22    1 
ATOM   67  P P      . C   A 1 3  ? -4.295  11.781  0.174   1.00 10.91 ? 3  C   A P      1 
ATOM   68  O OP1    . C   A 1 3  ? -4.931  12.323  -1.057  1.00 13.12 ? 3  C   A OP1    1 
ATOM   69  O OP2    . C   A 1 3  ? -4.617  10.379  0.638   1.00 13.59 ? 3  C   A OP2    1 
ATOM   70  O "O5'"  . C   A 1 3  ? -2.701  11.820  0.061   1.00 8.64  ? 3  C   A "O5'"  1 
ATOM   71  C "C5'"  . C   A 1 3  ? -2.097  12.995  -0.483  1.00 8.48  ? 3  C   A "C5'"  1 
ATOM   72  C "C4'"  . C   A 1 3  ? -0.591  12.873  -0.414  1.00 7.20  ? 3  C   A "C4'"  1 
ATOM   73  O "O4'"  . C   A 1 3  ? -0.157  12.842  0.953   1.00 7.12  ? 3  C   A "O4'"  1 
ATOM   74  C "C3'"  . C   A 1 3  ? 0.018   11.590  -0.993  1.00 6.44  ? 3  C   A "C3'"  1 
ATOM   75  O "O3'"  . C   A 1 3  ? 0.022   11.644  -2.417  1.00 6.44  ? 3  C   A "O3'"  1 
ATOM   76  C "C2'"  . C   A 1 3  ? 1.406   11.642  -0.368  1.00 6.31  ? 3  C   A "C2'"  1 
ATOM   77  O "O2'"  . C   A 1 3  ? 2.137   12.628  -1.062  1.00 6.76  ? 3  C   A "O2'"  1 
ATOM   78  C "C1'"  . C   A 1 3  ? 1.052   12.083  1.061   1.00 6.75  ? 3  C   A "C1'"  1 
ATOM   79  N N1     . C   A 1 3  ? 0.791   10.917  1.922   1.00 6.36  ? 3  C   A N1     1 
ATOM   80  C C2     . C   A 1 3  ? 1.926   10.253  2.435   1.00 6.45  ? 3  C   A C2     1 
ATOM   81  O O2     . C   A 1 3  ? 3.043   10.676  2.108   1.00 6.87  ? 3  C   A O2     1 
ATOM   82  N N3     . C   A 1 3  ? 1.746   9.176   3.214   1.00 6.60  ? 3  C   A N3     1 
ATOM   83  C C4     . C   A 1 3  ? 0.513   8.714   3.487   1.00 6.88  ? 3  C   A C4     1 
ATOM   84  N N4     . C   A 1 3  ? 0.404   7.659   4.267   1.00 7.89  ? 3  C   A N4     1 
ATOM   85  C C5     . C   A 1 3  ? -0.641  9.359   2.930   1.00 7.02  ? 3  C   A C5     1 
ATOM   86  C C6     . C   A 1 3  ? -0.456  10.427  2.169   1.00 6.80  ? 3  C   A C6     1 
ATOM   87  H "H5'"  . C   A 1 3  ? -2.383  13.778  0.034   1.00 10.18 ? 3  C   A "H5'"  1 
ATOM   88  H "H5''" . C   A 1 3  ? -2.373  13.102  -1.417  1.00 10.18 ? 3  C   A "H5''" 1 
ATOM   89  H "H4'"  . C   A 1 3  ? -0.186  13.647  -0.860  1.00 8.64  ? 3  C   A "H4'"  1 
ATOM   90  H "H3'"  . C   A 1 3  ? -0.474  10.804  -0.675  1.00 7.73  ? 3  C   A "H3'"  1 
ATOM   91  H "H2'"  . C   A 1 3  ? 1.849   10.768  -0.387  1.00 7.58  ? 3  C   A "H2'"  1 
ATOM   92  H "HO2'" . C   A 1 3  ? 1.770   12.725  -1.979  1.00 8.12  ? 3  C   A "HO2'" 1 
ATOM   93  H "H1'"  . C   A 1 3  ? 1.769   12.635  1.437   1.00 8.10  ? 3  C   A "H1'"  1 
ATOM   94  H H41    . C   A 1 3  ? -0.481  7.299   4.484   1.00 9.47  ? 3  C   A H41    1 
ATOM   95  H H42    . C   A 1 3  ? 1.209   7.233   4.629   1.00 9.47  ? 3  C   A H42    1 
ATOM   96  H H5     . C   A 1 3  ? -1.543  9.051   3.152   1.00 8.43  ? 3  C   A H5     1 
ATOM   97  H H6     . C   A 1 3  ? -1.235  10.902  1.811   1.00 8.15  ? 3  C   A H6     1 
ATOM   98  P P      . A   A 1 4  ? 0.008   10.293  -3.269  1.00 6.24  ? 4  A   A P      1 
ATOM   99  O OP1    . A   A 1 4  ? -0.044  10.765  -4.681  1.00 7.44  ? 4  A   A OP1    1 
ATOM   100 O OP2    . A   A 1 4  ? -1.044  9.380   -2.766  1.00 8.01  ? 4  A   A OP2    1 
ATOM   101 O "O5'"  . A   A 1 4  ? 1.398   9.570   -2.928  1.00 6.00  ? 4  A   A "O5'"  1 
ATOM   102 C "C5'"  . A   A 1 4  ? 2.650   10.177  -3.304  1.00 5.90  ? 4  A   A "C5'"  1 
ATOM   103 C "C4'"  . A   A 1 4  ? 3.788   9.409   -2.693  1.00 5.65  ? 4  A   A "C4'"  1 
ATOM   104 O "O4'"  . A   A 1 4  ? 3.694   9.426   -1.257  1.00 5.96  ? 4  A   A "O4'"  1 
ATOM   105 C "C3'"  . A   A 1 4  ? 3.871   7.934   -3.037  1.00 5.88  ? 4  A   A "C3'"  1 
ATOM   106 O "O3'"  . A   A 1 4  ? 4.397   7.788   -4.348  1.00 6.20  ? 4  A   A "O3'"  1 
ATOM   107 C "C2'"  . A   A 1 4  ? 4.746   7.393   -1.904  1.00 6.19  ? 4  A   A "C2'"  1 
ATOM   108 O "O2'"  . A   A 1 4  ? 6.090   7.730   -2.150  1.00 6.71  ? 4  A   A "O2'"  1 
ATOM   109 C "C1'"  . A   A 1 4  ? 4.221   8.208   -0.717  1.00 5.92  ? 4  A   A "C1'"  1 
ATOM   110 N N9     . A   A 1 4  ? 3.158   7.524   0.008   1.00 5.95  ? 4  A   A N9     1 
ATOM   111 C C8     . A   A 1 4  ? 1.800   7.682   -0.091  1.00 6.45  ? 4  A   A C8     1 
ATOM   112 N N7     . A   A 1 4  ? 1.127   6.885   0.718   1.00 7.22  ? 4  A   A N7     1 
ATOM   113 C C5     . A   A 1 4  ? 2.102   6.152   1.371   1.00 6.96  ? 4  A   A C5     1 
ATOM   114 C C6     . A   A 1 4  ? 2.025   5.144   2.321   1.00 8.28  ? 4  A   A C6     1 
ATOM   115 N N6     . A   A 1 4  ? 0.855   4.701   2.780   1.00 10.07 ? 4  A   A N6     1 
ATOM   116 N N1     . A   A 1 4  ? 3.138   4.611   2.773   1.00 8.33  ? 4  A   A N1     1 
ATOM   117 C C2     . A   A 1 4  ? 4.286   5.038   2.283   1.00 8.19  ? 4  A   A C2     1 
ATOM   118 N N3     . A   A 1 4  ? 4.518   5.996   1.329   1.00 6.95  ? 4  A   A N3     1 
ATOM   119 C C4     . A   A 1 4  ? 3.358   6.523   0.948   1.00 6.39  ? 4  A   A C4     1 
ATOM   120 H "H5'"  . A   A 1 4  ? 2.672   11.103  -2.984  1.00 7.07  ? 4  A   A "H5'"  1 
ATOM   121 H "H5''" . A   A 1 4  ? 2.737   10.167  -4.280  1.00 7.07  ? 4  A   A "H5''" 1 
ATOM   122 H "H4'"  . A   A 1 4  ? 4.629   9.839   -2.955  1.00 6.78  ? 4  A   A "H4'"  1 
ATOM   123 H "H3'"  . A   A 1 4  ? 2.980   7.532   -2.990  1.00 7.06  ? 4  A   A "H3'"  1 
ATOM   124 H "H2'"  . A   A 1 4  ? 4.622   6.430   -1.772  1.00 7.43  ? 4  A   A "H2'"  1 
ATOM   125 H "HO2'" . A   A 1 4  ? 6.373   8.409   -1.501  1.00 8.06  ? 4  A   A "HO2'" 1 
ATOM   126 H "H1'"  . A   A 1 4  ? 4.959   8.412   -0.105  1.00 7.11  ? 4  A   A "H1'"  1 
ATOM   127 H H8     . A   A 1 4  ? 1.373   8.343   -0.676  1.00 7.74  ? 4  A   A H8     1 
ATOM   128 H H61    . A   A 1 4  ? 0.831   3.985   3.449   1.00 12.09 ? 4  A   A H61    1 
ATOM   129 H H62    . A   A 1 4  ? 0.019   5.092   2.450   1.00 12.09 ? 4  A   A H62    1 
ATOM   130 H H2     . A   A 1 4  ? 5.086   4.605   2.647   1.00 9.82  ? 4  A   A H2     1 
ATOM   131 P P      . G   A 1 5  ? 4.186   6.419   -5.143  1.00 6.41  ? 5  G   A P      1 
ATOM   132 O OP1    . G   A 1 5  ? 4.620   6.654   -6.541  1.00 7.76  ? 5  G   A OP1    1 
ATOM   133 O OP2    . G   A 1 5  ? 2.768   5.901   -4.951  1.00 7.49  ? 5  G   A OP2    1 
ATOM   134 O "O5'"  . G   A 1 5  ? 5.200   5.497   -4.331  1.00 6.47  ? 5  G   A "O5'"  1 
ATOM   135 C "C5'"  . G   A 1 5  ? 4.989   4.072   -4.253  1.00 6.82  ? 5  G   A "C5'"  1 
ATOM   136 C "C4'"  . G   A 1 5  ? 6.030   3.524   -3.313  1.00 6.05  ? 5  G   A "C4'"  1 
ATOM   137 O "O4'"  . G   A 1 5  ? 5.801   4.037   -1.978  1.00 6.33  ? 5  G   A "O4'"  1 
ATOM   138 C "C3'"  . G   A 1 5  ? 5.915   2.021   -3.130  1.00 6.05  ? 5  G   A "C3'"  1 
ATOM   139 O "O3'"  . G   A 1 5  ? 6.540   1.350   -4.228  1.00 6.52  ? 5  G   A "O3'"  1 
ATOM   140 C "C2'"  . G   A 1 5  ? 6.621   1.825   -1.789  1.00 5.91  ? 5  G   A "C2'"  1 
ATOM   141 O "O2'"  . G   A 1 5  ? 8.010   1.956   -2.022  1.00 6.38  ? 5  G   A "O2'"  1 
ATOM   142 C "C1'"  . G   A 1 5  ? 6.073   3.024   -1.023  1.00 6.02  ? 5  G   A "C1'"  1 
ATOM   143 N N9     . G   A 1 5  ? 4.805   2.687   -0.340  1.00 6.01  ? 5  G   A N9     1 
ATOM   144 C C8     . G   A 1 5  ? 3.536   3.146   -0.574  1.00 6.41  ? 5  G   A C8     1 
ATOM   145 N N7     . G   A 1 5  ? 2.642   2.640   0.226   1.00 6.57  ? 5  G   A N7     1 
ATOM   146 C C5     . G   A 1 5  ? 3.360   1.780   1.050   1.00 6.10  ? 5  G   A C5     1 
ATOM   147 C C6     . G   A 1 5  ? 2.950   0.948   2.119   1.00 6.42  ? 5  G   A C6     1 
ATOM   148 O O6     . G   A 1 5  ? 1.816   0.840   2.617   1.00 7.54  ? 5  G   A O6     1 
ATOM   149 N N1     . G   A 1 5  ? 4.002   0.217   2.636   1.00 6.15  ? 5  G   A N1     1 
ATOM   150 C C2     . G   A 1 5  ? 5.311   0.292   2.228   1.00 6.08  ? 5  G   A C2     1 
ATOM   151 N N2     . G   A 1 5  ? 6.199   -0.488  2.843   1.00 6.55  ? 5  G   A N2     1 
ATOM   152 N N3     . G   A 1 5  ? 5.715   1.110   1.261   1.00 5.88  ? 5  G   A N3     1 
ATOM   153 C C4     . G   A 1 5  ? 4.692   1.801   0.718   1.00 5.85  ? 5  G   A C4     1 
ATOM   154 H "H5'"  . G   A 1 5  ? 5.096   3.669   -5.140  1.00 8.18  ? 5  G   A "H5'"  1 
ATOM   155 H "H5''" . G   A 1 5  ? 4.093   3.885   -3.905  1.00 8.18  ? 5  G   A "H5''" 1 
ATOM   156 H "H4'"  . G   A 1 5  ? 6.930   3.763   -3.620  1.00 7.26  ? 5  G   A "H4'"  1 
ATOM   157 H "H3'"  . G   A 1 5  ? 4.974   1.759   -3.060  1.00 7.26  ? 5  G   A "H3'"  1 
ATOM   158 H "H2'"  . G   A 1 5  ? 6.385   0.971   -1.367  1.00 7.09  ? 5  G   A "H2'"  1 
ATOM   159 H "HO2'" . G   A 1 5  ? 8.483   1.891   -1.166  1.00 7.66  ? 5  G   A "HO2'" 1 
ATOM   160 H "H1'"  . G   A 1 5  ? 6.734   3.342   -0.373  1.00 7.23  ? 5  G   A "H1'"  1 
ATOM   161 H H8     . G   A 1 5  ? 3.330   3.827   -1.248  1.00 7.69  ? 5  G   A H8     1 
ATOM   162 H H1     . G   A 1 5  ? 3.804   -0.374  3.392   1.00 7.38  ? 5  G   A H1     1 
ATOM   163 H H21    . G   A 1 5  ? 5.908   -1.094  3.556   1.00 7.86  ? 5  G   A H21    1 
ATOM   164 H H22    . G   A 1 5  ? 7.143   -0.457  2.582   1.00 7.86  ? 5  G   A H22    1 
ATOM   165 P P      . C   A 1 6  ? 6.045   -0.102  -4.694  1.00 7.55  ? 6  C   A P      1 
ATOM   166 O OP1    . C   A 1 6  ? 6.815   -0.366  -5.949  1.00 10.29 ? 6  C   A OP1    1 
ATOM   167 O OP2    . C   A 1 6  ? 4.560   -0.190  -4.691  1.00 9.13  ? 6  C   A OP2    1 
ATOM   168 O "O5'"  . C   A 1 6  ? 6.518   -1.083  -3.534  1.00 7.26  ? 6  C   A "O5'"  1 
ATOM   169 C "C5'"  . C   A 1 6  ? 7.905   -1.258  -3.228  1.00 7.21  ? 6  C   A "C5'"  1 
ATOM   170 C "C4'"  . C   A 1 6  ? 8.040   -2.166  -2.045  1.00 6.93  ? 6  C   A "C4'"  1 
ATOM   171 O "O4'"  . C   A 1 6  ? 7.371   -1.575  -0.909  1.00 6.95  ? 6  C   A "O4'"  1 
ATOM   172 C "C3'"  . C   A 1 6  ? 7.394   -3.535  -2.188  1.00 7.16  ? 6  C   A "C3'"  1 
ATOM   173 O "O3'"  . C   A 1 6  ? 8.258   -4.411  -2.909  1.00 8.56  ? 6  C   A "O3'"  1 
ATOM   174 C "C2'"  . C   A 1 6  ? 7.201   -3.930  -0.715  1.00 7.37  ? 6  C   A "C2'"  1 
ATOM   175 O "O2'"  . C   A 1 6  ? 8.408   -4.379  -0.179  1.00 8.84  ? 6  C   A "O2'"  1 
ATOM   176 C "C1'"  . C   A 1 6  ? 6.793   -2.583  -0.105  1.00 6.76  ? 6  C   A "C1'"  1 
ATOM   177 N N1     . C   A 1 6  ? 5.318   -2.398  -0.070  1.00 6.14  ? 6  C   A N1     1 
ATOM   178 C C2     . C   A 1 6  ? 4.615   -3.111  0.896   1.00 6.49  ? 6  C   A C2     1 
ATOM   179 O O2     . C   A 1 6  ? 5.231   -3.953  1.577   1.00 7.20  ? 6  C   A O2     1 
ATOM   180 N N3     . C   A 1 6  ? 3.280   -2.891  1.056   1.00 6.49  ? 6  C   A N3     1 
ATOM   181 C C4     . C   A 1 6  ? 2.672   -1.978  0.297   1.00 6.49  ? 6  C   A C4     1 
ATOM   182 N N4     . C   A 1 6  ? 1.373   -1.768  0.523   1.00 7.62  ? 6  C   A N4     1 
ATOM   183 C C5     . C   A 1 6  ? 3.357   -1.277  -0.723  1.00 6.58  ? 6  C   A C5     1 
ATOM   184 C C6     . C   A 1 6  ? 4.660   -1.503  -0.866  1.00 6.57  ? 6  C   A C6     1 
ATOM   185 H "H5'"  . C   A 1 6  ? 8.306   -0.387  -3.021  1.00 8.65  ? 6  C   A "H5'"  1 
ATOM   186 H "H5''" . C   A 1 6  ? 8.363   -1.653  -3.999  1.00 8.65  ? 6  C   A "H5''" 1 
ATOM   187 H "H4'"  . C   A 1 6  ? 8.991   -2.280  -1.835  1.00 8.32  ? 6  C   A "H4'"  1 
ATOM   188 H "H3'"  . C   A 1 6  ? 6.527   -3.457  -2.638  1.00 8.59  ? 6  C   A "H3'"  1 
ATOM   189 H "H2'"  . C   A 1 6  ? 6.490   -4.598  -0.615  1.00 8.84  ? 6  C   A "H2'"  1 
ATOM   190 H "HO2'" . C   A 1 6  ? 8.639   -5.239  -0.589  1.00 10.61 ? 6  C   A "HO2'" 1 
ATOM   191 H "H1'"  . C   A 1 6  ? 7.150   -2.518  0.805   1.00 8.11  ? 6  C   A "H1'"  1 
ATOM   192 H H41    . C   A 1 6  ? 0.883   -1.107  -0.010  1.00 9.14  ? 6  C   A H41    1 
ATOM   193 H H42    . C   A 1 6  ? 0.910   -2.275  1.222   1.00 9.14  ? 6  C   A H42    1 
ATOM   194 H H5     . C   A 1 6  ? 2.903   -0.591  -1.256  1.00 7.90  ? 6  C   A H5     1 
ATOM   195 H H6     . C   A 1 6  ? 5.172   -0.966  -1.507  1.00 7.88  ? 6  C   A H6     1 
ATOM   196 P P      . A   A 1 7  ? 7.677   -5.360  -4.039  1.00 10.69 ? 7  A   A P      1 
ATOM   197 O OP1    . A   A 1 7  ? 8.882   -6.051  -4.601  1.00 14.53 ? 7  A   A OP1    1 
ATOM   198 O OP2    . A   A 1 7  ? 6.704   -4.645  -4.875  1.00 12.04 ? 7  A   A OP2    1 
ATOM   199 O "O5'"  . A   A 1 7  ? 6.806   -6.430  -3.193  1.00 11.56 ? 7  A   A "O5'"  1 
ATOM   200 C "C5'"  . A   A 1 7  ? 7.425   -7.338  -2.287  1.00 13.01 ? 7  A   A "C5'"  1 
ATOM   201 C "C4'"  . A   A 1 7  ? 6.382   -7.901  -1.386  1.00 11.99 ? 7  A   A "C4'"  1 
ATOM   202 O "O4'"  . A   A 1 7  ? 5.809   -6.820  -0.567  1.00 10.78 ? 7  A   A "O4'"  1 
ATOM   203 C "C3'"  . A   A 1 7  ? 5.139   -8.532  -2.071  1.00 10.84 ? 7  A   A "C3'"  1 
ATOM   204 O "O3'"  . A   A 1 7  ? 5.446   -9.824  -2.524  1.00 12.16 ? 7  A   A "O3'"  1 
ATOM   205 C "C2'"  . A   A 1 7  ? 4.104   -8.438  -0.931  1.00 9.50  ? 7  A   A "C2'"  1 
ATOM   206 O "O2'"  . A   A 1 7  ? 4.368   -9.419  0.080   1.00 11.24 ? 7  A   A "O2'"  1 
ATOM   207 C "C1'"  . A   A 1 7  ? 4.438   -7.029  -0.360  1.00 9.63  ? 7  A   A "C1'"  1 
ATOM   208 N N9     . A   A 1 7  ? 3.687   -6.001  -1.075  1.00 8.49  ? 7  A   A N9     1 
ATOM   209 C C8     . A   A 1 7  ? 4.057   -5.200  -2.137  1.00 9.12  ? 7  A   A C8     1 
ATOM   210 N N7     . A   A 1 7  ? 3.136   -4.387  -2.539  1.00 8.49  ? 7  A   A N7     1 
ATOM   211 C C5     . A   A 1 7  ? 2.062   -4.667  -1.726  1.00 8.27  ? 7  A   A C5     1 
ATOM   212 C C6     . A   A 1 7  ? 0.796   -4.130  -1.676  1.00 9.40  ? 7  A   A C6     1 
ATOM   213 N N6     . A   A 1 7  ? 0.368   -3.169  -2.481  1.00 10.80 ? 7  A   A N6     1 
ATOM   214 N N1     . A   A 1 7  ? -0.031  -4.638  -0.728  1.00 9.89  ? 7  A   A N1     1 
ATOM   215 C C2     . A   A 1 7  ? 0.358   -5.598  0.080   1.00 9.50  ? 7  A   A C2     1 
ATOM   216 N N3     . A   A 1 7  ? 1.568   -6.187  0.124   1.00 8.87  ? 7  A   A N3     1 
ATOM   217 C C4     . A   A 1 7  ? 2.381   -5.669  -0.810  1.00 8.09  ? 7  A   A C4     1 
ATOM   218 H "H5'"  . A   A 1 7  ? 8.098   -6.866  -1.755  1.00 15.62 ? 7  A   A "H5'"  1 
ATOM   219 H "H5''" . A   A 1 7  ? 7.852   -8.063  -2.790  1.00 15.62 ? 7  A   A "H5''" 1 
ATOM   220 H "H4'"  . A   A 1 7  ? 6.793   -8.567  -0.796  1.00 14.39 ? 7  A   A "H4'"  1 
ATOM   221 H "H3'"  . A   A 1 7  ? 4.856   -7.973  -2.825  1.00 13.01 ? 7  A   A "H3'"  1 
ATOM   222 H "H2'"  . A   A 1 7  ? 3.184   -8.489  -1.265  1.00 11.40 ? 7  A   A "H2'"  1 
ATOM   223 H "HO2'" . A   A 1 7  ? 4.695   -8.967  0.886   1.00 13.49 ? 7  A   A "HO2'" 1 
ATOM   224 H "H1'"  . A   A 1 7  ? 4.231   -6.994  0.598   1.00 11.56 ? 7  A   A "H1'"  1 
ATOM   225 H H8     . A   A 1 7  ? 4.953   -5.222  -2.531  1.00 10.95 ? 7  A   A H8     1 
ATOM   226 H H61    . A   A 1 7  ? -0.545  -2.826  -2.392  1.00 12.96 ? 7  A   A H61    1 
ATOM   227 H H62    . A   A 1 7  ? 0.966   -2.801  -3.166  1.00 12.96 ? 7  A   A H62    1 
ATOM   228 H H2     . A   A 1 7  ? -0.301  -5.906  0.738   1.00 11.40 ? 7  A   A H2     1 
ATOM   229 P P      . G   A 1 8  ? 4.360   -10.713 -3.392  1.00 11.26 ? 8  G   A P      1 
ATOM   230 O OP1    . G   A 1 8  ? 5.163   -11.688 -4.152  1.00 13.97 ? 8  G   A OP1    1 
ATOM   231 O OP2    . G   A 1 8  ? 3.382   -9.828  -4.128  1.00 11.58 ? 8  G   A OP2    1 
ATOM   232 O "O5'"  . G   A 1 8  ? 3.533   -11.445 -2.246  1.00 8.80  ? 8  G   A "O5'"  1 
ATOM   233 C "C5'"  . G   A 1 8  ? 4.147   -12.398 -1.363  1.00 8.74  ? 8  G   A "C5'"  1 
ATOM   234 C "C4'"  . G   A 1 8  ? 3.121   -13.000 -0.486  1.00 7.50  ? 8  G   A "C4'"  1 
ATOM   235 O "O4'"  . G   A 1 8  ? 2.578   -12.008 0.405   1.00 7.41  ? 8  G   A "O4'"  1 
ATOM   236 C "C3'"  . G   A 1 8  ? 1.872   -13.546 -1.167  1.00 7.49  ? 8  G   A "C3'"  1 
ATOM   237 O "O3'"  . G   A 1 8  ? 2.139   -14.792 -1.813  1.00 8.64  ? 8  G   A "O3'"  1 
ATOM   238 C "C2'"  . G   A 1 8  ? 0.917   -13.634 0.005   1.00 7.08  ? 8  G   A "C2'"  1 
ATOM   239 O "O2'"  . G   A 1 8  ? 1.273   -14.733 0.829   1.00 7.79  ? 8  G   A "O2'"  1 
ATOM   240 C "C1'"  . G   A 1 8  ? 1.223   -12.312 0.692   1.00 7.07  ? 8  G   A "C1'"  1 
ATOM   241 N N9     . G   A 1 8  ? 0.404   -11.202 0.165   1.00 7.11  ? 8  G   A N9     1 
ATOM   242 C C8     . G   A 1 8  ? 0.735   -10.279 -0.783  1.00 7.44  ? 8  G   A C8     1 
ATOM   243 N N7     . G   A 1 8  ? -0.177  -9.381  -1.012  1.00 7.60  ? 8  G   A N7     1 
ATOM   244 C C5     . G   A 1 8  ? -1.212  -9.738  -0.157  1.00 6.86  ? 8  G   A C5     1 
ATOM   245 C C6     . G   A 1 8  ? -2.490  -9.182  0.032   1.00 6.69  ? 8  G   A C6     1 
ATOM   246 O O6     . G   A 1 8  ? -2.965  -8.164  -0.505  1.00 7.74  ? 8  G   A O6     1 
ATOM   247 N N1     . G   A 1 8  ? -3.262  -9.914  0.935   1.00 6.59  ? 8  G   A N1     1 
ATOM   248 C C2     . G   A 1 8  ? -2.845  -11.024 1.601   1.00 6.64  ? 8  G   A C2     1 
ATOM   249 N N2     . G   A 1 8  ? -3.711  -11.579 2.438   1.00 7.56  ? 8  G   A N2     1 
ATOM   250 N N3     . G   A 1 8  ? -1.612  -11.540 1.472   1.00 6.74  ? 8  G   A N3     1 
ATOM   251 C C4     . G   A 1 8  ? -0.856  -10.855 0.575   1.00 6.50  ? 8  G   A C4     1 
ATOM   252 H "H5'"  . G   A 1 8  ? 4.821   -11.946 -0.813  1.00 10.49 ? 8  G   A "H5'"  1 
ATOM   253 H "H5''" . G   A 1 8  ? 4.578   -13.102 -1.892  1.00 10.49 ? 8  G   A "H5''" 1 
ATOM   254 H "H4'"  . G   A 1 8  ? 3.533   -13.714 0.045   1.00 8.99  ? 8  G   A "H4'"  1 
ATOM   255 H "H3'"  . G   A 1 8  ? 1.539   -12.896 -1.820  1.00 8.99  ? 8  G   A "H3'"  1 
ATOM   256 H "H2'"  . G   A 1 8  ? -0.017  -13.681 -0.291  1.00 8.50  ? 8  G   A "H2'"  1 
ATOM   257 H "HO2'" . G   A 1 8  ? 0.740   -14.702 1.650   1.00 9.35  ? 8  G   A "HO2'" 1 
ATOM   258 H "H1'"  . G   A 1 8  ? 1.096   -12.397 1.659   1.00 8.48  ? 8  G   A "H1'"  1 
ATOM   259 H H8     . G   A 1 8  ? 1.629   -10.233 -1.183  1.00 8.93  ? 8  G   A H8     1 
ATOM   260 H H1     . G   A 1 8  ? -4.160  -9.576  1.136   1.00 7.91  ? 8  G   A H1     1 
ATOM   261 H H21    . G   A 1 8  ? -4.611  -11.204 2.532   1.00 9.07  ? 8  G   A H21    1 
ATOM   262 H H22    . G   A 1 8  ? -3.451  -12.366 2.962   1.00 9.07  ? 8  G   A H22    1 
ATOM   263 P P      . C   A 1 9  ? 1.299   -15.202 -3.094  1.00 9.99  ? 9  C   A P      1 
ATOM   264 O OP1    . C   A 1 9  ? 1.894   -16.479 -3.554  1.00 13.63 ? 9  C   A OP1    1 
ATOM   265 O OP2    . C   A 1 9  ? 1.156   -14.033 -4.042  1.00 13.12 ? 9  C   A OP2    1 
ATOM   266 O "O5'"  . C   A 1 9  ? -0.180  -15.421 -2.583  1.00 8.22  ? 9  C   A "O5'"  1 
ATOM   267 C "C5'"  . C   A 1 9  ? -0.480  -16.506 -1.665  1.00 7.67  ? 9  C   A "C5'"  1 
ATOM   268 C "C4'"  . C   A 1 9  ? -1.886  -16.383 -1.161  1.00 7.07  ? 9  C   A "C4'"  1 
ATOM   269 O "O4'"  . C   A 1 9  ? -2.042  -15.147 -0.412  1.00 7.66  ? 9  C   A "O4'"  1 
ATOM   270 C "C3'"  . C   A 1 9  ? -2.972  -16.297 -2.204  1.00 7.22  ? 9  C   A "C3'"  1 
ATOM   271 O "O3'"  . C   A 1 9  ? -3.240  -17.588 -2.769  1.00 7.26  ? 9  C   A "O3'"  1 
ATOM   272 C "C2'"  . C   A 1 9  ? -4.125  -15.729 -1.376  1.00 7.65  ? 9  C   A "C2'"  1 
ATOM   273 O "O2'"  . C   A 1 9  ? -4.660  -16.693 -0.499  1.00 8.64  ? 9  C   A "O2'"  1 
ATOM   274 C "C1'"  . C   A 1 9  ? -3.374  -14.656 -0.566  1.00 7.70  ? 9  C   A "C1'"  1 
ATOM   275 N N1     . C   A 1 9  ? -3.346  -13.382 -1.272  1.00 7.84  ? 9  C   A N1     1 
ATOM   276 C C2     . C   A 1 9  ? -4.521  -12.600 -1.166  1.00 8.13  ? 9  C   A C2     1 
ATOM   277 O O2     . C   A 1 9  ? -5.462  -13.002 -0.507  1.00 8.86  ? 9  C   A O2     1 
ATOM   278 N N3     . C   A 1 9  ? -4.545  -11.403 -1.847  1.00 8.29  ? 9  C   A N3     1 
ATOM   279 C C4     . C   A 1 9  ? -3.521  -11.022 -2.574  1.00 8.47  ? 9  C   A C4     1 
ATOM   280 N N4     . C   A 1 9  ? -3.563  -9.837  -3.246  1.00 9.69  ? 9  C   A N4     1 
ATOM   281 C C5     . C   A 1 9  ? -2.311  -11.816 -2.732  1.00 8.76  ? 9  C   A C5     1 
ATOM   282 C C6     . C   A 1 9  ? -2.313  -12.979 -2.041  1.00 8.40  ? 9  C   A C6     1 
ATOM   283 H "H5'"  . C   A 1 9  ? 0.140   -16.469 -0.907  1.00 9.20  ? 9  C   A "H5'"  1 
ATOM   284 H "H5''" . C   A 1 9  ? -0.375  -17.362 -2.128  1.00 9.20  ? 9  C   A "H5''" 1 
ATOM   285 H "H4'"  . C   A 1 9  ? -2.076  -17.138 -0.567  1.00 8.49  ? 9  C   A "H4'"  1 
ATOM   286 H "H3'"  . C   A 1 9  ? -2.717  -15.663 -2.907  1.00 8.67  ? 9  C   A "H3'"  1 
ATOM   287 H "H2'"  . C   A 1 9  ? -4.816  -15.331 -1.946  1.00 9.18  ? 9  C   A "H2'"  1 
ATOM   288 H "HO2'" . C   A 1 9  ? -5.135  -17.371 -1.021  1.00 10.36 ? 9  C   A "HO2'" 1 
ATOM   289 H "H1'"  . C   A 1 9  ? -3.793  -14.544 0.312   1.00 9.24  ? 9  C   A "H1'"  1 
ATOM   290 H H41    . C   A 1 9  ? -2.798  -9.555  -3.789  1.00 11.63 ? 9  C   A H41    1 
ATOM   291 H H42    . C   A 1 9  ? -4.360  -9.269  -3.187  1.00 11.63 ? 9  C   A H42    1 
ATOM   292 H H5     . C   A 1 9  ? -1.544  -11.515 -3.262  1.00 10.51 ? 9  C   A H5     1 
ATOM   293 H H6     . C   A 1 9  ? -1.522  -13.555 -2.096  1.00 10.08 ? 9  C   A H6     1 
ATOM   294 P P      . C   A 1 10 ? -3.692  -17.712 -4.293  1.00 7.64  ? 10 C   A P      1 
ATOM   295 O OP1    . C   A 1 10 ? -3.807  -19.197 -4.538  1.00 8.62  ? 10 C   A OP1    1 
ATOM   296 O OP2    . C   A 1 10 ? -2.844  -16.905 -5.111  1.00 9.79  ? 10 C   A OP2    1 
ATOM   297 O "O5'"  . C   A 1 10 ? -5.123  -17.012 -4.355  1.00 7.32  ? 10 C   A "O5'"  1 
ATOM   298 C "C5'"  . C   A 1 10 ? -6.200  -17.711 -3.728  1.00 6.98  ? 10 C   A "C5'"  1 
ATOM   299 C "C4'"  . C   A 1 10 ? -7.451  -16.887 -3.771  1.00 6.70  ? 10 C   A "C4'"  1 
ATOM   300 O "O4'"  . C   A 1 10 ? -7.279  -15.654 -3.038  1.00 6.99  ? 10 C   A "O4'"  1 
ATOM   301 C "C3'"  . C   A 1 10 ? -7.967  -16.455 -5.121  1.00 6.96  ? 10 C   A "C3'"  1 
ATOM   302 O "O3'"  . C   A 1 10 ? -8.563  -17.501 -5.859  1.00 8.47  ? 10 C   A "O3'"  1 
ATOM   303 C "C2'"  . C   A 1 10 ? -8.936  -15.348 -4.715  1.00 7.14  ? 10 C   A "C2'"  1 
ATOM   304 O "O2'"  . C   A 1 10 ? -10.089 -15.982 -4.196  1.00 8.47  ? 10 C   A "O2'"  1 
ATOM   305 C "C1'"  . C   A 1 10 ? -8.148  -14.665 -3.603  1.00 6.78  ? 10 C   A "C1'"  1 
ATOM   306 N N1     . C   A 1 10 ? -7.342  -13.540 -4.124  1.00 6.83  ? 10 C   A N1     1 
ATOM   307 C C2     . C   A 1 10 ? -8.031  -12.339 -4.352  1.00 6.82  ? 10 C   A C2     1 
ATOM   308 O O2     . C   A 1 10 ? -9.216  -12.267 -4.063  1.00 7.23  ? 10 C   A O2     1 
ATOM   309 N N3     . C   A 1 10 ? -7.352  -11.305 -4.926  1.00 7.09  ? 10 C   A N3     1 
ATOM   310 C C4     . C   A 1 10 ? -6.087  -11.458 -5.302  1.00 7.67  ? 10 C   A C4     1 
ATOM   311 N N4     . C   A 1 10 ? -5.484  -10.423 -5.902  1.00 8.70  ? 10 C   A N4     1 
ATOM   312 C C5     . C   A 1 10 ? -5.372  -12.677 -5.073  1.00 7.89  ? 10 C   A C5     1 
ATOM   313 C C6     . C   A 1 10 ? -6.038  -13.676 -4.495  1.00 7.44  ? 10 C   A C6     1 
ATOM   314 H "H5'"  . C   A 1 10 ? -5.967  -17.896 -2.794  1.00 8.38  ? 10 C   A "H5'"  1 
ATOM   315 H "H5''" . C   A 1 10 ? -6.354  -18.558 -4.197  1.00 8.38  ? 10 C   A "H5''" 1 
ATOM   316 H "H4'"  . C   A 1 10 ? -8.161  -17.401 -3.331  1.00 8.03  ? 10 C   A "H4'"  1 
ATOM   317 H "H3'"  . C   A 1 10 ? -7.230  -16.068 -5.641  1.00 8.35  ? 10 C   A "H3'"  1 
ATOM   318 H "HO3'" . C   A 1 10 ? -8.198  -17.753 -6.733  1.00 10.16 ? 10 C   A "HO3'" 1 
ATOM   319 H "H2'"  . C   A 1 10 ? -9.139  -14.742 -5.457  1.00 8.57  ? 10 C   A "H2'"  1 
ATOM   320 H "HO2'" . C   A 1 10 ? -10.574 -16.411 -4.930  1.00 10.17 ? 10 C   A "HO2'" 1 
ATOM   321 H "H1'"  . C   A 1 10 ? -8.765  -14.337 -2.915  1.00 8.13  ? 10 C   A "H1'"  1 
ATOM   322 H H41    . C   A 1 10 ? -4.552  -10.501 -6.192  1.00 10.44 ? 10 C   A H41    1 
ATOM   323 H H42    . C   A 1 10 ? -5.975  -9.588  -6.051  1.00 10.44 ? 10 C   A H42    1 
ATOM   324 H H5     . C   A 1 10 ? -4.433  -12.774 -5.334  1.00 9.47  ? 10 C   A H5     1 
ATOM   325 H H6     . C   A 1 10 ? -5.587  -14.535 -4.356  1.00 8.93  ? 10 C   A H6     1 
HETATM 326 S S      A SO4 B 2 .  ? -2.993  -2.445  -1.055  0.50 12.46 ? 11 SO4 A S      1 
HETATM 327 O O1     A SO4 B 2 .  ? -4.369  -2.468  -1.543  0.50 19.45 ? 11 SO4 A O1     1 
HETATM 328 O O2     A SO4 B 2 .  ? -2.099  -1.817  -1.944  0.50 15.54 ? 11 SO4 A O2     1 
HETATM 329 O O3     A SO4 B 2 .  ? -3.186  -1.409  -0.041  0.50 19.47 ? 11 SO4 A O3     1 
HETATM 330 O O4     A SO4 B 2 .  ? -2.607  -3.725  -0.579  0.50 13.26 ? 11 SO4 A O4     1 
HETATM 331 O O      . HOH C 3 .  ? -5.368  -21.070 -3.205  0.33 11.82 ? 12 HOH A O      1 
HETATM 332 O O      A HOH C 3 .  ? -0.173  2.642   -0.100  0.59 12.79 ? 13 HOH A O      1 
HETATM 333 O O      B HOH C 3 .  ? 0.076   3.701   -0.317  0.41 15.98 ? 13 HOH A O      1 
HETATM 334 O O      . HOH C 3 .  ? -3.722  15.931  6.868   1.00 14.50 ? 14 HOH A O      1 
HETATM 335 O O      . HOH C 3 .  ? 6.016   -8.374  2.249   1.00 12.78 ? 15 HOH A O      1 
HETATM 336 O O      . HOH C 3 .  ? 2.442   -7.284  -3.981  1.00 13.06 ? 16 HOH A O      1 
HETATM 337 O O      . HOH C 3 .  ? -6.221  -4.418  -1.112  1.00 14.73 ? 17 HOH A O      1 
HETATM 338 O O      . HOH C 3 .  ? 7.408   -4.084  3.468   0.50 15.43 ? 18 HOH A O      1 
HETATM 339 O O      . HOH C 3 .  ? 3.284   5.908   -8.881  1.00 14.09 ? 19 HOH A O      1 
HETATM 340 O O      . HOH C 3 .  ? 0.875   -11.241 -4.427  1.00 15.33 ? 20 HOH A O      1 
HETATM 341 O O      A HOH C 3 .  ? 2.846   -2.406  -4.415  0.85 15.05 ? 21 HOH A O      1 
HETATM 342 O O      B HOH C 3 .  ? 3.678   -2.793  -4.861  0.15 15.12 ? 21 HOH A O      1 
HETATM 343 O O      . HOH C 3 .  ? -2.681  -6.206  -2.423  1.00 14.74 ? 22 HOH A O      1 
HETATM 344 O O      . HOH C 3 .  ? -6.451  15.571  6.883   1.00 16.26 ? 23 HOH A O      1 
HETATM 345 O O      . HOH C 3 .  ? -0.773  6.599   -2.390  1.00 15.58 ? 24 HOH A O      1 
HETATM 346 O O      . HOH C 3 .  ? 7.639   8.069   -4.504  0.33 7.09  ? 25 HOH A O      1 
HETATM 347 O O      A HOH C 3 .  ? -0.493  -18.381 -6.094  0.50 12.69 ? 26 HOH A O      1 
HETATM 348 O O      B HOH C 3 .  ? -0.211  -17.500 -5.711  0.50 18.75 ? 26 HOH A O      1 
HETATM 349 O O      A HOH C 3 .  ? -0.978  14.978  4.216   0.51 11.18 ? 27 HOH A O      1 
HETATM 350 O O      B HOH C 3 .  ? -0.310  15.724  5.039   0.49 11.91 ? 27 HOH A O      1 
HETATM 351 O O      . HOH C 3 .  ? -4.767  15.958  0.937   1.00 19.17 ? 28 HOH A O      1 
HETATM 352 O O      . HOH C 3 .  ? -0.092  0.141   -1.152  1.00 17.29 ? 29 HOH A O      1 
HETATM 353 O O      . HOH C 3 .  ? -1.659  6.659   0.571   1.00 15.09 ? 30 HOH A O      1 
HETATM 354 O O      . HOH C 3 .  ? 7.548   3.288   2.165   1.00 7.61  ? 31 HOH A O      1 
HETATM 355 O O      . HOH C 3 .  ? 7.854   -6.114  1.854   1.00 13.60 ? 32 HOH A O      1 
HETATM 356 O O      . HOH C 3 .  ? -1.204  -9.136  -4.782  1.00 16.57 ? 33 HOH A O      1 
HETATM 357 O O      . HOH C 3 .  ? 10.297  -2.562  1.018   1.00 15.99 ? 34 HOH A O      1 
HETATM 358 O O      . HOH C 3 .  ? -0.830  1.258   2.092   1.00 35.49 ? 35 HOH A O      1 
HETATM 359 O O      . HOH C 3 .  ? -0.485  7.250   8.806   1.00 19.51 ? 36 HOH A O      1 
HETATM 360 O O      . HOH C 3 .  ? -9.879  13.521  5.321   1.00 19.87 ? 37 HOH A O      1 
HETATM 361 O O      A HOH C 3 .  ? -11.806 -12.830 -3.120  0.51 11.19 ? 38 HOH A O      1 
HETATM 362 O O      B HOH C 3 .  ? -11.674 -13.615 -3.937  0.49 14.58 ? 38 HOH A O      1 
HETATM 363 O O      . HOH C 3 .  ? -4.945  -19.397 -0.817  0.33 8.17  ? 39 HOH A O      1 
HETATM 364 O O      . HOH C 3 .  ? 7.782   -11.970 -3.369  1.00 26.58 ? 40 HOH A O      1 
HETATM 365 O O      . HOH C 3 .  ? -1.494  8.571   12.607  1.00 19.78 ? 41 HOH A O      1 
HETATM 366 O O      . HOH C 3 .  ? -1.631  -14.247 -5.384  1.00 20.21 ? 42 HOH A O      1 
HETATM 367 O O      . HOH C 3 .  ? -4.910  14.746  -1.700  1.00 18.75 ? 43 HOH A O      1 
HETATM 368 O O      . HOH C 3 .  ? 4.785   13.044  -0.760  1.00 8.03  ? 44 HOH A O      1 
HETATM 369 O O      . HOH C 3 .  ? -6.582  -17.951 -7.730  1.00 24.27 ? 45 HOH A O      1 
HETATM 370 O O      . HOH C 3 .  ? 3.381   1.436   -6.648  1.00 22.58 ? 46 HOH A O      1 
HETATM 371 O O      . HOH C 3 .  ? 4.204   -5.846  -5.694  1.00 19.33 ? 47 HOH A O      1 
HETATM 372 O O      A HOH C 3 .  ? 7.268   -2.897  -6.834  0.63 21.85 ? 48 HOH A O      1 
HETATM 373 O O      B HOH C 3 .  ? 7.899   -2.757  -6.574  0.37 21.86 ? 48 HOH A O      1 
HETATM 374 O O      A HOH C 3 .  ? -3.030  7.772   7.307   0.69 15.33 ? 49 HOH A O      1 
HETATM 375 O O      B HOH C 3 .  ? -3.952  7.763   7.410   0.31 15.33 ? 49 HOH A O      1 
HETATM 376 O O      . HOH C 3 .  ? -2.936  8.638   -0.825  1.00 20.63 ? 50 HOH A O      1 
HETATM 377 O O      . HOH C 3 .  ? 5.204   3.043   -7.751  1.00 21.46 ? 51 HOH A O      1 
HETATM 378 O O      . HOH C 3 .  ? 7.050   6.625   0.160   1.00 9.06  ? 52 HOH A O      1 
HETATM 379 O O      . HOH C 3 .  ? 1.770   3.501   -6.055  1.00 23.93 ? 53 HOH A O      1 
HETATM 380 O O      . HOH C 3 .  ? 0.913   2.364   -2.964  0.50 24.45 ? 54 HOH A O      1 
HETATM 381 O O      . HOH C 3 .  ? 11.035  -4.684  -1.459  1.00 35.32 ? 55 HOH A O      1 
HETATM 382 O O      . HOH C 3 .  ? 6.506   3.589   -10.897 0.33 21.82 ? 56 HOH A O      1 
HETATM 383 O O      . HOH C 3 .  ? -8.227  7.591   11.662  0.85 32.20 ? 57 HOH A O      1 
HETATM 384 O O      A HOH C 3 .  ? -2.627  -11.674 -6.626  0.51 14.66 ? 58 HOH A O      1 
HETATM 385 O O      B HOH C 3 .  ? -2.910  -10.436 -7.125  0.49 20.47 ? 58 HOH A O      1 
HETATM 386 O O      . HOH C 3 .  ? -5.215  -2.763  1.869   1.00 35.87 ? 59 HOH A O      1 
HETATM 387 O O      . HOH C 3 .  ? -1.990  12.696  -5.224  1.00 8.33  ? 60 HOH A O      1 
HETATM 388 O O      . HOH C 3 .  ? -7.284  9.826   0.896   1.00 21.15 ? 61 HOH A O      1 
HETATM 389 O O      A HOH C 3 .  ? 7.245   6.509   -6.729  0.16 10.67 ? 62 HOH A O      1 
HETATM 390 O O      B HOH C 3 .  ? 7.078   5.851   -7.668  0.17 7.46  ? 62 HOH A O      1 
HETATM 391 O O      . HOH C 3 .  ? -3.212  7.095   10.005  1.00 30.72 ? 63 HOH A O      1 
HETATM 392 O O      . HOH C 3 .  ? 1.247   7.460   11.115  1.00 20.64 ? 64 HOH A O      1 
HETATM 393 O O      A HOH C 3 .  ? -4.165  8.911   3.049   0.49 14.99 ? 65 HOH A O      1 
HETATM 394 O O      B HOH C 3 .  ? -4.597  7.247   3.873   0.51 17.78 ? 65 HOH A O      1 
HETATM 395 O O      . HOH C 3 .  ? -2.584  17.201  4.711   1.00 51.79 ? 66 HOH A O      1 
HETATM 396 O O      . HOH C 3 .  ? -4.222  -16.167 -7.499  1.00 42.23 ? 67 HOH A O      1 
HETATM 397 O O      . HOH C 3 .  ? -0.069  -7.367  -2.959  1.00 11.80 ? 68 HOH A O      1 
HETATM 398 O O      . HOH C 3 .  ? -2.347  5.201   -4.172  1.00 24.90 ? 69 HOH A O      1 
HETATM 399 O O      . HOH C 3 .  ? -2.977  8.870   -4.920  1.00 36.45 ? 70 HOH A O      1 
HETATM 400 O O      . HOH C 3 .  ? 2.052   -8.787  1.405   1.00 11.10 ? 71 HOH A O      1 
HETATM 401 O O      . HOH C 3 .  ? -1.600  6.777   -6.561  1.00 23.68 ? 72 HOH A O      1 
HETATM 402 O O      . HOH C 3 .  ? -2.219  5.433   -9.053  1.00 38.14 ? 73 HOH A O      1 
HETATM 403 O O      . HOH C 3 .  ? -7.504  15.208  1.633   1.00 34.27 ? 74 HOH A O      1 
HETATM 404 O O      . HOH C 3 .  ? -6.246  7.600   13.289  1.00 39.57 ? 75 HOH A O      1 
HETATM 405 O O      . HOH C 3 .  ? -6.633  13.507  -4.822  1.00 38.20 ? 76 HOH A O      1 
HETATM 406 O O      B HOH C 3 .  ? -2.141  -3.062  0.139   0.47 12.61 ? 77 HOH A O      1 
HETATM 407 O O      . HOH C 3 .  ? 0.986   7.225   -6.518  1.00 10.86 ? 78 HOH A O      1 
HETATM 408 O O      . HOH C 3 .  ? 1.671   5.138   -2.552  1.00 10.61 ? 79 HOH A O      1 
HETATM 409 O O      . HOH C 3 .  ? 10.255  -8.136  -0.106  1.00 31.26 ? 80 HOH A O      1 
HETATM 410 O O      . HOH C 3 .  ? 2.446   1.321   -3.746  1.00 32.10 ? 81 HOH A O      1 
HETATM 411 O O      . HOH C 3 .  ? -3.656  8.083   1.580   1.00 25.40 ? 82 HOH A O      1 
HETATM 412 O O      A HOH C 3 .  ? 4.880   12.978  2.384   0.53 12.24 ? 83 HOH A O      1 
HETATM 413 O O      B HOH C 3 .  ? 5.242   13.359  3.260   0.47 35.03 ? 83 HOH A O      1 
HETATM 414 O O      . HOH C 3 .  ? 7.645   12.187  -0.845  1.00 29.97 ? 84 HOH A O      1 
HETATM 415 O O      . HOH C 3 .  ? -7.720  16.373  4.574   1.00 30.01 ? 87 HOH A O      1 
HETATM 416 O O      . HOH C 3 .  ? 7.478   13.450  3.377   1.00 29.99 ? 88 HOH A O      1 
HETATM 417 O O      B HOH C 3 .  ? -3.645  -3.357  -1.908  0.50 30.00 ? 89 HOH A O      1 
# 
loop_
_atom_site_anisotrop.id 
_atom_site_anisotrop.type_symbol 
_atom_site_anisotrop.pdbx_label_atom_id 
_atom_site_anisotrop.pdbx_label_alt_id 
_atom_site_anisotrop.pdbx_label_comp_id 
_atom_site_anisotrop.pdbx_label_asym_id 
_atom_site_anisotrop.pdbx_label_seq_id 
_atom_site_anisotrop.pdbx_PDB_ins_code 
_atom_site_anisotrop.U[1][1] 
_atom_site_anisotrop.U[2][2] 
_atom_site_anisotrop.U[3][3] 
_atom_site_anisotrop.U[1][2] 
_atom_site_anisotrop.U[1][3] 
_atom_site_anisotrop.U[2][3] 
_atom_site_anisotrop.pdbx_auth_seq_id 
_atom_site_anisotrop.pdbx_auth_comp_id 
_atom_site_anisotrop.pdbx_auth_asym_id 
_atom_site_anisotrop.pdbx_auth_atom_id 
1   O "O5'" . G   A 1  ? 0.1794 0.1784 0.2432 -0.0649 -0.0144 0.0216  1  G   A "O5'" 
2   C "C5'" . G   A 1  ? 0.1048 0.1732 0.1628 -0.0344 0.0113  -0.0111 1  G   A "C5'" 
3   C "C4'" . G   A 1  ? 0.0852 0.1608 0.1231 -0.0244 0.0165  -0.0254 1  G   A "C4'" 
4   O "O4'" . G   A 1  ? 0.0799 0.1660 0.1196 -0.0254 0.0347  -0.0327 1  G   A "O4'" 
5   C "C3'" . G   A 1  ? 0.0814 0.1650 0.1124 -0.0072 0.0153  -0.0237 1  G   A "C3'" 
6   O "O3'" . G   A 1  ? 0.0802 0.2034 0.1157 0.0050  0.0095  -0.0374 1  G   A "O3'" 
7   C "C2'" . G   A 1  ? 0.0728 0.1508 0.1226 0.0030  0.0307  -0.0162 1  G   A "C2'" 
8   O "O2'" . G   A 1  ? 0.0801 0.1632 0.1521 0.0185  0.0344  -0.0018 1  G   A "O2'" 
9   C "C1'" . G   A 1  ? 0.0724 0.1508 0.1174 -0.0088 0.0292  -0.0287 1  G   A "C1'" 
10  N N9    . G   A 1  ? 0.0941 0.1338 0.1018 -0.0285 0.0230  -0.0211 1  G   A N9    
11  C C8    . G   A 1  ? 0.1019 0.1484 0.1131 -0.0383 0.0137  -0.0055 1  G   A C8    
12  N N7    . G   A 1  ? 0.1148 0.1614 0.1118 -0.0432 0.0072  0.0052  1  G   A N7    
13  C C5    . G   A 1  ? 0.0942 0.1365 0.1022 -0.0343 0.0128  -0.0144 1  G   A C5    
14  C C6    . G   A 1  ? 0.0956 0.1258 0.0970 -0.0126 0.0013  -0.0058 1  G   A C6    
15  O O6    . G   A 1  ? 0.1046 0.1401 0.1267 -0.0290 0.0043  0.0125  1  G   A O6    
16  N N1    . G   A 1  ? 0.0838 0.1069 0.0961 -0.0146 0.0160  -0.0138 1  G   A N1    
17  C C2    . G   A 1  ? 0.0806 0.1010 0.1006 -0.0064 0.0214  -0.0158 1  G   A C2    
18  N N2    . G   A 1  ? 0.0752 0.1113 0.1241 0.0030  0.0237  -0.0133 1  G   A N2    
19  N N3    . G   A 1  ? 0.0683 0.1091 0.1127 -0.0061 0.0221  -0.0211 1  G   A N3    
20  C C4    . G   A 1  ? 0.0771 0.1272 0.0980 -0.0208 0.0216  -0.0256 1  G   A C4    
33  P P     . G   A 2  ? 0.1061 0.2596 0.1240 0.0262  0.0051  -0.0611 2  G   A P     
34  O OP1   . G   A 2  ? 0.1244 0.3301 0.1348 0.0106  -0.0070 -0.0753 2  G   A OP1   
35  O OP2   . G   A 2  ? 0.1406 0.2128 0.1778 0.0230  0.0044  -0.0795 2  G   A OP2   
36  O "O5'" . G   A 2  ? 0.0735 0.2524 0.1250 0.0250  0.0260  -0.0094 2  G   A "O5'" 
37  C "C5'" . G   A 2  ? 0.0840 0.3016 0.1117 0.0560  0.0243  0.0032  2  G   A "C5'" 
38  C "C4'" . G   A 2  ? 0.0759 0.2530 0.0993 0.0469  0.0160  -0.0096 2  G   A "C4'" 
39  O "O4'" . G   A 2  ? 0.0937 0.2861 0.1088 0.0767  0.0158  -0.0265 2  G   A "O4'" 
40  C "C3'" . G   A 2  ? 0.0662 0.2392 0.0961 0.0419  0.0078  -0.0121 2  G   A "C3'" 
41  O "O3'" . G   A 2  ? 0.0709 0.2290 0.1099 0.0388  0.0076  -0.0156 2  G   A "O3'" 
42  C "C2'" . G   A 2  ? 0.0748 0.2479 0.1096 0.0387  0.0122  -0.0338 2  G   A "C2'" 
43  O "O2'" . G   A 2  ? 0.1095 0.2268 0.1370 0.0461  0.0015  -0.0111 2  G   A "O2'" 
44  C "C1'" . G   A 2  ? 0.0979 0.2431 0.1040 0.0647  0.0152  -0.0209 2  G   A "C1'" 
45  N N9    . G   A 2  ? 0.0764 0.2280 0.0993 0.0333  0.0055  -0.0320 2  G   A N9    
46  C C8    . G   A 2  ? 0.0765 0.2342 0.1141 0.0332  -0.0031 -0.0604 2  G   A C8    
47  N N7    . G   A 2  ? 0.0693 0.2255 0.1102 0.0158  0.0065  -0.0433 2  G   A N7    
48  C C5    . G   A 2  ? 0.0725 0.2016 0.0948 0.0106  0.0115  -0.0481 2  G   A C5    
49  C C6    . G   A 2  ? 0.0894 0.1690 0.0954 0.0258  -0.0024 -0.0286 2  G   A C6    
50  O O6    . G   A 2  ? 0.0754 0.1697 0.1197 0.0001  0.0100  -0.0304 2  G   A O6    
51  N N1    . G   A 2  ? 0.0704 0.1734 0.0993 0.0091  0.0118  -0.0332 2  G   A N1    
52  C C2    . G   A 2  ? 0.1003 0.1635 0.0834 0.0325  0.0004  -0.0074 2  G   A C2    
53  N N2    . G   A 2  ? 0.0864 0.1768 0.1025 0.0251  0.0100  0.0016  2  G   A N2    
54  N N3    . G   A 2  ? 0.0833 0.1951 0.0921 0.0365  0.0062  -0.0202 2  G   A N3    
55  C C4    . G   A 2  ? 0.0923 0.2031 0.0802 0.0454  0.0001  -0.0312 2  G   A C4    
67  P P     . C   A 3  ? 0.0677 0.2432 0.1037 0.0121  0.0086  -0.0188 3  C   A P     
68  O OP1   . C   A 3  ? 0.0857 0.2997 0.1129 0.0309  -0.0098 -0.0130 3  C   A OP1   
69  O OP2   . C   A 3  ? 0.1102 0.2467 0.1594 -0.0261 0.0238  -0.0349 3  C   A OP2   
70  O "O5'" . C   A 3  ? 0.0677 0.1658 0.0946 0.0168  0.0142  -0.0031 3  C   A "O5'" 
71  C "C5'" . C   A 3  ? 0.0768 0.1501 0.0953 0.0358  0.0132  0.0080  3  C   A "C5'" 
72  C "C4'" . C   A 3  ? 0.0707 0.1160 0.0869 0.0327  0.0072  0.0111  3  C   A "C4'" 
73  O "O4'" . C   A 3  ? 0.0731 0.1053 0.0923 0.0251  0.0092  0.0104  3  C   A "O4'" 
74  C "C3'" . C   A 3  ? 0.0683 0.0993 0.0771 0.0154  0.0100  0.0148  3  C   A "C3'" 
75  O "O3'" . C   A 3  ? 0.0660 0.0965 0.0821 0.0173  0.0101  0.0169  3  C   A "O3'" 
76  C "C2'" . C   A 3  ? 0.0619 0.0895 0.0885 0.0134  0.0109  0.0135  3  C   A "C2'" 
77  O "O2'" . C   A 3  ? 0.0710 0.0900 0.0960 0.0081  0.0082  0.0146  3  C   A "O2'" 
78  C "C1'" . C   A 3  ? 0.0674 0.0945 0.0945 0.0212  0.0048  0.0094  3  C   A "C1'" 
79  N N1    . C   A 3  ? 0.0660 0.0963 0.0791 0.0142  0.0081  0.0086  3  C   A N1    
80  C C2    . C   A 3  ? 0.0757 0.0897 0.0795 0.0102  0.0089  0.0090  3  C   A C2    
81  O O2    . C   A 3  ? 0.0713 0.0953 0.0946 0.0087  0.0039  0.0169  3  C   A O2    
82  N N3    . C   A 3  ? 0.0772 0.0932 0.0802 0.0087  0.0093  0.0053  3  C   A N3    
83  C C4    . C   A 3  ? 0.0894 0.0993 0.0727 0.0015  0.0152  0.0067  3  C   A C4    
84  N N4    . C   A 3  ? 0.0933 0.1129 0.0937 0.0007  0.0134  0.0157  3  C   A N4    
85  C C5    . C   A 3  ? 0.0712 0.1130 0.0827 0.0043  0.0078  0.0055  3  C   A C5    
86  C C6    . C   A 3  ? 0.0748 0.1054 0.0780 0.0079  0.0103  0.0028  3  C   A C6    
98  P P     . A   A 4  ? 0.0557 0.0981 0.0833 0.0116  0.0048  0.0178  4  A   A P     
99  O OP1   . A   A 4  ? 0.0743 0.1220 0.0864 0.0230  -0.0016 0.0163  4  A   A OP1   
100 O OP2   . A   A 4  ? 0.0690 0.1196 0.1157 0.0036  0.0093  0.0097  4  A   A OP2   
101 O "O5'" . A   A 4  ? 0.0595 0.0863 0.0821 0.0050  0.0033  0.0208  4  A   A "O5'" 
102 C "C5'" . A   A 4  ? 0.0632 0.0806 0.0803 0.0075  0.0071  0.0182  4  A   A "C5'" 
103 C "C4'" . A   A 4  ? 0.0626 0.0774 0.0748 0.0066  0.0052  0.0196  4  A   A "C4'" 
104 O "O4'" . A   A 4  ? 0.0664 0.0790 0.0810 0.0130  0.0018  0.0159  4  A   A "O4'" 
105 C "C3'" . A   A 4  ? 0.0689 0.0768 0.0779 0.0121  0.0072  0.0145  4  A   A "C3'" 
106 O "O3'" . A   A 4  ? 0.0754 0.0798 0.0801 0.0139  0.0065  0.0158  4  A   A "O3'" 
107 C "C2'" . A   A 4  ? 0.0704 0.0861 0.0788 0.0156  0.0090  0.0218  4  A   A "C2'" 
108 O "O2'" . A   A 4  ? 0.0657 0.1079 0.0816 0.0170  0.0066  0.0177  4  A   A "O2'" 
109 C "C1'" . A   A 4  ? 0.0650 0.0834 0.0766 0.0126  0.0059  0.0177  4  A   A "C1'" 
110 N N9    . A   A 4  ? 0.0671 0.0803 0.0785 0.0117  0.0042  0.0133  4  A   A N9    
111 C C8    . A   A 4  ? 0.0742 0.0892 0.0817 0.0023  0.0114  0.0090  4  A   A C8    
112 N N7    . A   A 4  ? 0.0873 0.0978 0.0892 -0.0062 0.0169  0.0009  4  A   A N7    
113 C C5    . A   A 4  ? 0.1019 0.0853 0.0773 -0.0022 0.0154  0.0086  4  A   A C5    
114 C C6    . A   A 4  ? 0.1432 0.0863 0.0851 -0.0132 0.0160  0.0116  4  A   A C6    
115 N N6    . A   A 4  ? 0.1589 0.1199 0.1039 -0.0349 0.0331  0.0184  4  A   A N6    
116 N N1    . A   A 4  ? 0.1464 0.0868 0.0834 -0.0093 0.0121  0.0182  4  A   A N1    
117 C C2    . A   A 4  ? 0.1332 0.0909 0.0870 0.0226  -0.0168 0.0044  4  A   A C2    
118 N N3    . A   A 4  ? 0.1068 0.0825 0.0747 0.0132  -0.0040 0.0152  4  A   A N3    
119 C C4    . A   A 4  ? 0.0899 0.0798 0.0732 0.0099  0.0046  0.0069  4  A   A C4    
131 P P     . G   A 5  ? 0.0862 0.0778 0.0794 0.0165  -0.0007 0.0175  5  G   A P     
132 O OP1   . G   A 5  ? 0.1157 0.0925 0.0865 0.0182  0.0091  0.0171  5  G   A OP1   
133 O OP2   . G   A 5  ? 0.0896 0.0934 0.1017 0.0087  -0.0112 0.0133  5  G   A OP2   
134 O "O5'" . G   A 5  ? 0.0762 0.0708 0.0988 0.0091  0.0035  0.0209  5  G   A "O5'" 
135 C "C5'" . G   A 5  ? 0.0917 0.0786 0.0887 0.0034  -0.0007 0.0163  5  G   A "C5'" 
136 C "C4'" . G   A 5  ? 0.0834 0.0631 0.0835 0.0033  0.0046  0.0166  5  G   A "C4'" 
137 O "O4'" . G   A 5  ? 0.0945 0.0615 0.0844 0.0031  0.0019  0.0199  5  G   A "O4'" 
138 C "C3'" . G   A 5  ? 0.0765 0.0662 0.0870 0.0026  0.0020  0.0138  5  G   A "C3'" 
139 O "O3'" . G   A 5  ? 0.0924 0.0701 0.0851 0.0036  0.0039  0.0129  5  G   A "O3'" 
140 C "C2'" . G   A 5  ? 0.0782 0.0617 0.0847 -0.0028 0.0014  0.0220  5  G   A "C2'" 
141 O "O2'" . G   A 5  ? 0.0707 0.0772 0.0945 -0.0052 -0.0040 0.0170  5  G   A "O2'" 
142 C "C1'" . G   A 5  ? 0.0814 0.0656 0.0819 -0.0062 -0.0004 0.0204  5  G   A "C1'" 
143 N N9    . G   A 5  ? 0.0755 0.0695 0.0834 -0.0011 -0.0031 0.0154  5  G   A N9    
144 C C8    . G   A 5  ? 0.0846 0.0718 0.0870 0.0075  -0.0021 0.0132  5  G   A C8    
145 N N7    . G   A 5  ? 0.0808 0.0795 0.0895 0.0059  0.0001  0.0132  5  G   A N7    
146 C C5    . G   A 5  ? 0.0740 0.0739 0.0838 0.0017  -0.0002 0.0155  5  G   A C5    
147 C C6    . G   A 5  ? 0.0748 0.0811 0.0881 -0.0019 0.0024  0.0121  5  G   A C6    
148 O O6    . G   A 5  ? 0.0784 0.1033 0.1046 0.0043  0.0105  0.0304  5  G   A O6    
149 N N1    . G   A 5  ? 0.0713 0.0771 0.0854 -0.0027 0.0043  0.0185  5  G   A N1    
150 C C2    . G   A 5  ? 0.0766 0.0714 0.0830 -0.0049 -0.0026 0.0136  5  G   A C2    
151 N N2    . G   A 5  ? 0.0759 0.0824 0.0907 -0.0045 0.0024  0.0276  5  G   A N2    
152 N N3    . G   A 5  ? 0.0726 0.0698 0.0809 -0.0040 0.0003  0.0188  5  G   A N3    
153 C C4    . G   A 5  ? 0.0783 0.0663 0.0776 -0.0031 -0.0011 0.0135  5  G   A C4    
165 P P     . C   A 6  ? 0.1227 0.0708 0.0935 -0.0011 -0.0008 0.0091  6  C   A P     
166 O OP1   . C   A 6  ? 0.2038 0.0880 0.0991 0.0062  0.0237  0.0050  6  C   A OP1   
167 O OP2   . C   A 6  ? 0.1251 0.0901 0.1317 -0.0065 -0.0344 0.0079  6  C   A OP2   
168 O "O5'" . C   A 6  ? 0.0979 0.0722 0.1060 -0.0012 0.0154  0.0138  6  C   A "O5'" 
169 C "C5'" . C   A 6  ? 0.0874 0.0717 0.1150 -0.0035 0.0181  0.0171  6  C   A "C5'" 
170 C "C4'" . C   A 6  ? 0.0785 0.0637 0.1212 -0.0042 0.0192  0.0192  6  C   A "C4'" 
171 O "O4'" . C   A 6  ? 0.0872 0.0663 0.1106 -0.0129 0.0127  0.0221  6  C   A "O4'" 
172 C "C3'" . C   A 6  ? 0.0817 0.0676 0.1228 -0.0013 0.0238  0.0157  6  C   A "C3'" 
173 O "O3'" . C   A 6  ? 0.0971 0.0704 0.1577 -0.0017 0.0448  0.0150  6  C   A "O3'" 
174 C "C2'" . C   A 6  ? 0.0876 0.0668 0.1255 -0.0012 0.0138  0.0278  6  C   A "C2'" 
175 O "O2'" . C   A 6  ? 0.1016 0.0914 0.1429 0.0131  0.0109  0.0387  6  C   A "O2'" 
176 C "C1'" . C   A 6  ? 0.0772 0.0722 0.1075 -0.0092 0.0106  0.0233  6  C   A "C1'" 
177 N N1    . C   A 6  ? 0.0756 0.0632 0.0946 -0.0081 0.0082  0.0165  6  C   A N1    
178 C C2    . C   A 6  ? 0.0844 0.0676 0.0945 -0.0059 0.0079  0.0181  6  C   A C2    
179 O O2    . C   A 6  ? 0.0811 0.0834 0.1091 -0.0042 0.0092  0.0344  6  C   A O2    
180 N N3    . C   A 6  ? 0.0787 0.0734 0.0944 -0.0003 0.0080  0.0188  6  C   A N3    
181 C C4    . C   A 6  ? 0.0838 0.0715 0.0912 -0.0004 0.0030  0.0113  6  C   A C4    
182 N N4    . C   A 6  ? 0.0879 0.0945 0.1071 0.0059  0.0091  0.0230  6  C   A N4    
183 C C5    . C   A 6  ? 0.0897 0.0669 0.0935 -0.0014 -0.0018 0.0166  6  C   A C5    
184 C C6    . C   A 6  ? 0.0910 0.0621 0.0964 -0.0091 0.0041  0.0142  6  C   A C6    
196 P P     . A   A 7  ? 0.1332 0.0883 0.1847 -0.0160 0.0639  -0.0202 7  A   A P     
197 O OP1   . A   A 7  ? 0.1578 0.1386 0.2556 -0.0078 0.0912  -0.0533 7  A   A OP1   
198 O OP2   . A   A 7  ? 0.1884 0.1272 0.1418 -0.0276 0.0502  -0.0195 7  A   A OP2   
199 O "O5'" . A   A 7  ? 0.1203 0.0801 0.2388 -0.0133 0.0415  0.0009  7  A   A "O5'" 
200 C "C5'" . A   A 7  ? 0.1167 0.0815 0.2963 -0.0231 0.0254  0.0279  7  A   A "C5'" 
201 C "C4'" . A   A 7  ? 0.1197 0.0807 0.2552 -0.0118 0.0010  0.0307  7  A   A "C4'" 
202 O "O4'" . A   A 7  ? 0.1171 0.0742 0.2183 -0.0181 -0.0190 0.0228  7  A   A "O4'" 
203 C "C3'" . A   A 7  ? 0.1143 0.0798 0.2178 -0.0241 0.0236  0.0055  7  A   A "C3'" 
204 O "O3'" . A   A 7  ? 0.1262 0.0722 0.2638 -0.0174 0.0594  -0.0078 7  A   A "O3'" 
205 C "C2'" . A   A 7  ? 0.1233 0.0682 0.1695 -0.0188 0.0076  0.0172  7  A   A "C2'" 
206 O "O2'" . A   A 7  ? 0.1508 0.0709 0.2055 -0.0251 -0.0158 0.0272  7  A   A "O2'" 
207 C "C1'" . A   A 7  ? 0.1174 0.0707 0.1780 -0.0246 -0.0108 0.0139  7  A   A "C1'" 
208 N N9    . A   A 7  ? 0.1212 0.0723 0.1290 -0.0252 0.0007  0.0136  7  A   A N9    
209 C C8    . A   A 7  ? 0.1188 0.0799 0.1480 -0.0263 0.0095  0.0124  7  A   A C8    
210 N N7    . A   A 7  ? 0.1159 0.0844 0.1221 -0.0158 0.0094  0.0138  7  A   A N7    
211 C C5    . A   A 7  ? 0.1260 0.0785 0.1096 -0.0144 0.0057  0.0070  7  A   A C5    
212 C C6    . A   A 7  ? 0.1355 0.1104 0.1113 0.0061  0.0125  0.0062  7  A   A C6    
213 N N6    . A   A 7  ? 0.1551 0.1258 0.1294 0.0252  0.0021  0.0217  7  A   A N6    
214 N N1    . A   A 7  ? 0.1377 0.1141 0.1240 0.0063  0.0204  0.0226  7  A   A N1    
215 C C2    . A   A 7  ? 0.1246 0.1197 0.1166 -0.0059 0.0285  0.0054  7  A   A C2    
216 N N3    . A   A 7  ? 0.1435 0.0917 0.1018 -0.0203 0.0130  0.0094  7  A   A N3    
217 C C4    . A   A 7  ? 0.1158 0.0797 0.1117 -0.0136 0.0071  -0.0004 7  A   A C4    
229 P P     . G   A 8  ? 0.1478 0.0951 0.1850 -0.0270 0.0740  -0.0144 8  G   A P     
230 O OP1   . G   A 8  ? 0.1857 0.1307 0.2143 -0.0153 0.1036  -0.0205 8  G   A OP1   
231 O OP2   . G   A 8  ? 0.1819 0.1090 0.1491 -0.0175 0.0416  0.0054  8  G   A OP2   
232 O "O5'" . G   A 8  ? 0.1083 0.0813 0.1448 -0.0141 0.0359  -0.0078 8  G   A "O5'" 
233 C "C5'" . G   A 8  ? 0.0925 0.0746 0.1649 -0.0074 0.0307  -0.0076 8  G   A "C5'" 
234 C "C4'" . G   A 8  ? 0.0739 0.0743 0.1366 -0.0032 0.0090  -0.0091 8  G   A "C4'" 
235 O "O4'" . G   A 8  ? 0.0771 0.0827 0.1219 -0.0039 0.0071  -0.0083 8  G   A "O4'" 
236 C "C3'" . G   A 8  ? 0.0827 0.0800 0.1220 -0.0046 0.0124  -0.0102 8  G   A "C3'" 
237 O "O3'" . G   A 8  ? 0.0848 0.0862 0.1574 -0.0093 0.0198  -0.0273 8  G   A "O3'" 
238 C "C2'" . G   A 8  ? 0.0721 0.0792 0.1178 -0.0044 0.0074  0.0058  8  G   A "C2'" 
239 O "O2'" . G   A 8  ? 0.0839 0.0756 0.1367 -0.0043 -0.0005 0.0102  8  G   A "O2'" 
240 C "C1'" . G   A 8  ? 0.0758 0.0801 0.1127 0.0055  0.0062  0.0000  8  G   A "C1'" 
241 N N9    . G   A 8  ? 0.0867 0.0858 0.0977 0.0024  0.0133  0.0027  8  G   A N9    
242 C C8    . G   A 8  ? 0.0985 0.0848 0.0994 0.0026  0.0229  0.0090  8  G   A C8    
243 N N7    . G   A 8  ? 0.0956 0.1027 0.0903 0.0123  0.0193  0.0110  8  G   A N7    
244 C C5    . G   A 8  ? 0.0877 0.0875 0.0855 0.0015  0.0138  0.0062  8  G   A C5    
245 C C6    . G   A 8  ? 0.0894 0.0850 0.0797 0.0066  0.0006  0.0091  8  G   A C6    
246 O O6    . G   A 8  ? 0.1015 0.1032 0.0895 0.0125  0.0093  0.0174  8  G   A O6    
247 N N1    . G   A 8  ? 0.0825 0.0898 0.0781 0.0036  -0.0007 0.0098  8  G   A N1    
248 C C2    . G   A 8  ? 0.0758 0.0860 0.0905 0.0024  -0.0015 0.0115  8  G   A C2    
249 N N2    . G   A 8  ? 0.0721 0.0997 0.1154 0.0013  0.0037  0.0231  8  G   A N2    
250 N N3    . G   A 8  ? 0.0769 0.0801 0.0990 0.0015  0.0024  0.0116  8  G   A N3    
251 C C4    . G   A 8  ? 0.0795 0.0813 0.0863 -0.0011 0.0068  0.0042  8  G   A C4    
263 P P     . C   A 9  ? 0.1200 0.1115 0.1479 -0.0324 0.0333  -0.0374 9  C   A P     
264 O OP1   . C   A 9  ? 0.1317 0.1478 0.2385 -0.0369 0.0645  -0.0915 9  C   A OP1   
265 O OP2   . C   A 9  ? 0.2158 0.1647 0.1180 -0.0696 0.0305  -0.0242 9  C   A OP2   
266 O "O5'" . C   A 9  ? 0.0961 0.0824 0.1340 -0.0057 -0.0065 0.0067  9  C   A "O5'" 
267 C "C5'" . C   A 9  ? 0.0784 0.0798 0.1332 -0.0051 -0.0176 0.0095  9  C   A "C5'" 
268 C "C4'" . C   A 9  ? 0.0758 0.0748 0.1181 0.0002  -0.0135 0.0068  9  C   A "C4'" 
269 O "O4'" . C   A 9  ? 0.0761 0.0838 0.1311 0.0105  -0.0237 0.0056  9  C   A "O4'" 
270 C "C3'" . C   A 9  ? 0.0748 0.0862 0.1135 0.0020  -0.0128 0.0051  9  C   A "C3'" 
271 O "O3'" . C   A 9  ? 0.0699 0.0906 0.1155 0.0028  -0.0100 0.0049  9  C   A "O3'" 
272 C "C2'" . C   A 9  ? 0.0735 0.0995 0.1177 0.0111  -0.0185 -0.0085 9  C   A "C2'" 
273 O "O2'" . C   A 9  ? 0.0841 0.1053 0.1387 -0.0072 0.0016  0.0018  9  C   A "O2'" 
274 C "C1'" . C   A 9  ? 0.0732 0.0931 0.1264 0.0137  -0.0239 0.0030  9  C   A "C1'" 
275 N N1    . C   A 9  ? 0.0818 0.0912 0.1250 0.0199  -0.0227 -0.0039 9  C   A N1    
276 C C2    . C   A 9  ? 0.0959 0.0965 0.1165 0.0191  -0.0290 -0.0124 9  C   A C2    
277 O O2    . C   A 9  ? 0.0961 0.1189 0.1214 0.0300  -0.0118 0.0010  9  C   A O2    
278 N N3    . C   A 9  ? 0.1045 0.0940 0.1165 0.0218  -0.0290 -0.0057 9  C   A N3    
279 C C4    . C   A 9  ? 0.1152 0.0816 0.1251 0.0167  -0.0461 0.0011  9  C   A C4    
280 N N4    . C   A 9  ? 0.1201 0.0946 0.1534 0.0232  -0.0406 0.0016  9  C   A N4    
281 C C5    . C   A 9  ? 0.1023 0.0866 0.1439 0.0135  -0.0336 0.0010  9  C   A C5    
282 C C6    . C   A 9  ? 0.0962 0.0874 0.1355 0.0157  -0.0323 0.0002  9  C   A C6    
294 P P     . C   A 10 ? 0.0725 0.1109 0.1069 0.0076  -0.0024 0.0019  10 C   A P     
295 O OP1   . C   A 10 ? 0.0887 0.1113 0.1277 0.0146  -0.0060 -0.0075 10 C   A OP1   
296 O OP2   . C   A 10 ? 0.1119 0.1435 0.1165 0.0120  -0.0063 0.0050  10 C   A OP2   
297 O "O5'" . C   A 10 ? 0.0825 0.0915 0.1041 0.0075  -0.0074 0.0097  10 C   A "O5'" 
298 C "C5'" . C   A 10 ? 0.0795 0.0857 0.1000 0.0026  -0.0130 0.0156  10 C   A "C5'" 
299 C "C4'" . C   A 10 ? 0.0822 0.0846 0.0875 0.0139  -0.0087 0.0080  10 C   A "C4'" 
300 O "O4'" . C   A 10 ? 0.0921 0.0874 0.0859 0.0194  -0.0180 0.0095  10 C   A "O4'" 
301 C "C3'" . C   A 10 ? 0.0828 0.0916 0.0902 0.0093  -0.0149 0.0077  10 C   A "C3'" 
302 O "O3'" . C   A 10 ? 0.1078 0.1021 0.1119 0.0137  -0.0349 -0.0068 10 C   A "O3'" 
303 C "C2'" . C   A 10 ? 0.0821 0.0906 0.0984 0.0113  -0.0166 0.0139  10 C   A "C2'" 
304 O "O2'" . C   A 10 ? 0.0785 0.1066 0.1369 0.0100  -0.0024 -0.0011 10 C   A "O2'" 
305 C "C1'" . C   A 10 ? 0.0867 0.0824 0.0885 0.0165  -0.0130 0.0164  10 C   A "C1'" 
306 N N1    . C   A 10 ? 0.0852 0.0871 0.0873 0.0119  -0.0184 0.0096  10 C   A N1    
307 C C2    . C   A 10 ? 0.0962 0.0847 0.0780 0.0092  -0.0152 0.0068  10 C   A C2    
308 O O2    . C   A 10 ? 0.0908 0.0882 0.0958 0.0196  -0.0071 0.0145  10 C   A O2    
309 N N3    . C   A 10 ? 0.0904 0.0862 0.0928 0.0030  -0.0139 0.0075  10 C   A N3    
310 C C4    . C   A 10 ? 0.0949 0.0899 0.1065 -0.0019 -0.0209 0.0023  10 C   A C4    
311 N N4    . C   A 10 ? 0.1016 0.0996 0.1296 -0.0061 -0.0122 0.0076  10 C   A N4    
312 C C5    . C   A 10 ? 0.0839 0.0991 0.1167 0.0035  -0.0154 0.0028  10 C   A C5    
313 C C6    . C   A 10 ? 0.0857 0.0940 0.1029 0.0109  -0.0209 0.0017  10 C   A C6    
326 S S     A SO4 B .  ? 0.1629 0.1468 0.1636 0.0111  0.0057  0.0511  11 SO4 A S     
327 O O1    A SO4 B .  ? 0.2045 0.1836 0.3508 -0.0475 -0.0983 0.0877  11 SO4 A O1    
328 O O2    A SO4 B .  ? 0.1879 0.2069 0.1957 0.0469  0.0175  0.0559  11 SO4 A O2    
329 O O3    A SO4 B .  ? 0.3000 0.2515 0.1883 0.1003  -0.0124 0.0317  11 SO4 A O3    
330 O O4    A SO4 B .  ? 0.1596 0.1924 0.1518 0.0557  0.0360  0.0831  11 SO4 A O4    
331 O O     . HOH C .  ? 0.1068 0.1482 0.1941 0.0112  0.0160  0.0631  12 HOH A O     
332 O O     A HOH C .  ? 0.0990 0.1586 0.2282 0.0035  -0.0258 0.0096  13 HOH A O     
333 O O     B HOH C .  ? 0.1195 0.2130 0.2746 -0.0214 -0.0251 0.0342  13 HOH A O     
334 O O     . HOH C .  ? 0.1348 0.1579 0.2582 0.0361  0.0464  0.0212  14 HOH A O     
335 O O     . HOH C .  ? 0.2049 0.1148 0.1657 -0.0141 -0.0038 0.0242  15 HOH A O     
336 O O     . HOH C .  ? 0.1561 0.1328 0.2074 -0.0310 0.0225  -0.0019 16 HOH A O     
337 O O     . HOH C .  ? 0.1859 0.1444 0.2292 0.0142  -0.0194 0.0541  17 HOH A O     
338 O O     . HOH C .  ? 0.1391 0.2196 0.2277 0.0497  -0.0254 -0.0236 18 HOH A O     
339 O O     . HOH C .  ? 0.2143 0.1448 0.1764 0.0476  -0.0685 -0.0145 19 HOH A O     
340 O O     . HOH C .  ? 0.2132 0.1596 0.2098 -0.0239 0.0045  -0.0109 20 HOH A O     
341 O O     A HOH C .  ? 0.1995 0.1634 0.2090 -0.0653 -0.0493 0.0578  21 HOH A O     
342 O O     B HOH C .  ? 0.2009 0.1641 0.2094 -0.0648 -0.0488 0.0575  21 HOH A O     
343 O O     . HOH C .  ? 0.1954 0.1699 0.1949 -0.0059 0.0174  0.0800  22 HOH A O     
344 O O     . HOH C .  ? 0.1340 0.1825 0.3012 0.0083  0.0490  0.0316  23 HOH A O     
345 O O     . HOH C .  ? 0.1639 0.1703 0.2578 -0.0177 -0.0308 0.0322  24 HOH A O     
346 O O     . HOH C .  ? 0.0802 0.0894 0.0996 0.0025  0.0035  0.0140  25 HOH A O     
347 O O     A HOH C .  ? 0.1557 0.2074 0.1191 0.0475  0.0148  0.0229  26 HOH A O     
348 O O     B HOH C .  ? 0.2205 0.3062 0.1858 0.0491  -0.0221 -0.0885 26 HOH A O     
349 O O     A HOH C .  ? 0.1120 0.1886 0.1240 0.0006  0.0059  0.0159  27 HOH A O     
350 O O     B HOH C .  ? 0.1414 0.1412 0.1698 -0.0061 -0.0188 0.0304  27 HOH A O     
351 O O     . HOH C .  ? 0.2377 0.2446 0.2459 0.0632  -0.0294 0.0284  28 HOH A O     
352 O O     . HOH C .  ? 0.2588 0.1618 0.2363 0.0796  -0.0882 0.0266  29 HOH A O     
353 O O     . HOH C .  ? 0.1226 0.2002 0.2504 -0.0290 0.0128  -0.0041 30 HOH A O     
354 O O     . HOH C .  ? 0.0779 0.1131 0.0982 -0.0042 -0.0047 0.0197  31 HOH A O     
355 O O     . HOH C .  ? 0.1573 0.1524 0.2071 -0.0181 -0.0057 0.0418  32 HOH A O     
356 O O     . HOH C .  ? 0.2101 0.1847 0.2346 -0.0603 -0.0075 0.0060  33 HOH A O     
357 O O     . HOH C .  ? 0.1776 0.1597 0.2703 0.0283  -0.0100 0.0147  34 HOH A O     
358 O O     . HOH C .  ? 0.5574 0.3920 0.3992 0.0445  0.0588  0.0183  35 HOH A O     
359 O O     . HOH C .  ? 0.2284 0.2037 0.3091 -0.0403 0.0594  0.0021  36 HOH A O     
360 O O     . HOH C .  ? 0.1381 0.4558 0.1612 0.0686  0.0266  -0.0152 37 HOH A O     
361 O O     A HOH C .  ? 0.1454 0.1559 0.1240 0.0037  0.0078  0.0318  38 HOH A O     
362 O O     B HOH C .  ? 0.2037 0.2164 0.1338 0.0421  -0.0061 0.0358  38 HOH A O     
363 O O     . HOH C .  ? 0.0955 0.1032 0.1118 0.0021  0.0030  0.0117  39 HOH A O     
364 O O     . HOH C .  ? 0.2835 0.3986 0.3280 0.1145  0.0681  -0.0458 40 HOH A O     
365 O O     . HOH C .  ? 0.2061 0.2741 0.2715 0.0507  0.0422  0.1308  41 HOH A O     
366 O O     . HOH C .  ? 0.3577 0.1955 0.2146 -0.0644 -0.0011 0.0280  42 HOH A O     
367 O O     . HOH C .  ? 0.2037 0.3154 0.1933 0.0965  -0.0201 0.0098  43 HOH A O     
368 O O     . HOH C .  ? 0.0732 0.0979 0.1340 0.0167  0.0051  0.0251  44 HOH A O     
369 O O     . HOH C .  ? 0.2653 0.4066 0.2502 0.0529  0.0451  -0.1218 45 HOH A O     
370 O O     . HOH C .  ? 0.2928 0.2514 0.3138 -0.0073 -0.0752 0.0701  46 HOH A O     
371 O O     . HOH C .  ? 0.2427 0.2838 0.2079 -0.0353 0.0333  0.0229  47 HOH A O     
372 O O     A HOH C .  ? 0.4554 0.1564 0.2185 0.0550  0.1075  -0.0061 48 HOH A O     
373 O O     B HOH C .  ? 0.4552 0.1566 0.2188 0.0550  0.1075  -0.0062 48 HOH A O     
374 O O     A HOH C .  ? 0.1363 0.2137 0.2323 -0.0380 0.0087  -0.0215 49 HOH A O     
375 O O     B HOH C .  ? 0.1366 0.2135 0.2322 -0.0383 0.0083  -0.0215 49 HOH A O     
376 O O     . HOH C .  ? 0.2150 0.2737 0.2951 -0.0194 0.0870  0.0170  50 HOH A O     
377 O O     . HOH C .  ? 0.3367 0.2809 0.1978 -0.0171 -0.0420 -0.0174 51 HOH A O     
378 O O     . HOH C .  ? 0.0813 0.1653 0.0979 0.0341  0.0051  0.0305  52 HOH A O     
379 O O     . HOH C .  ? 0.2615 0.1725 0.4751 -0.0232 -0.1078 -0.0733 53 HOH A O     
380 O O     . HOH C .  ? 0.2987 0.3304 0.2997 -0.0814 -0.0147 -0.0238 54 HOH A O     
381 O O     . HOH C .  ? 0.1301 0.4510 0.7608 0.0380  0.0027  0.2407  55 HOH A O     
382 O O     . HOH C .  ? 0.3458 0.2787 0.2044 -0.0181 -0.0259 -0.1023 56 HOH A O     
383 O O     . HOH C .  ? 0.5322 0.3959 0.2954 0.0255  -0.0766 0.0410  57 HOH A O     
384 O O     A HOH C .  ? 0.1537 0.2059 0.1976 0.0055  0.0182  0.0090  58 HOH A O     
385 O O     B HOH C .  ? 0.1674 0.3144 0.2960 0.0573  0.0601  0.0769  58 HOH A O     
386 O O     . HOH C .  ? 0.3577 0.5621 0.4431 0.2013  0.1104  0.1753  59 HOH A O     
387 O O     . HOH C .  ? 0.0792 0.1161 0.1213 0.0191  0.0136  0.0425  60 HOH A O     
388 O O     . HOH C .  ? 0.1380 0.4678 0.1977 -0.0599 -0.0004 -0.0600 61 HOH A O     
389 O O     A HOH C .  ? 0.1265 0.1349 0.1442 0.0023  0.0032  0.0128  62 HOH A O     
390 O O     B HOH C .  ? 0.0847 0.0942 0.1047 0.0026  0.0036  0.0144  62 HOH A O     
391 O O     . HOH C .  ? 0.4064 0.2114 0.5494 0.0190  -0.0232 0.0133  63 HOH A O     
392 O O     . HOH C .  ? 0.2673 0.2330 0.2839 0.0198  0.0111  0.0164  64 HOH A O     
393 O O     A HOH C .  ? 0.1436 0.2300 0.1961 -0.0011 0.0372  -0.0487 65 HOH A O     
394 O O     B HOH C .  ? 0.1619 0.2495 0.2643 0.0835  0.0142  -0.0525 65 HOH A O     
395 O O     . HOH C .  ? 0.4497 0.6966 0.8216 -0.2215 0.0368  -0.1252 66 HOH A O     
396 O O     . HOH C .  ? 0.3903 0.4829 0.7313 0.2015  -0.2074 0.1121  67 HOH A O     
397 O O     . HOH C .  ? 0.1677 0.1357 0.1448 -0.0076 0.0218  0.0366  68 HOH A O     
398 O O     . HOH C .  ? 0.2968 0.2838 0.3656 -0.0211 -0.0749 0.0202  69 HOH A O     
399 O O     . HOH C .  ? 0.2338 0.5962 0.5550 -0.0789 -0.0307 -0.1937 70 HOH A O     
400 O O     . HOH C .  ? 0.2097 0.0986 0.1135 0.0127  0.0259  0.0104  71 HOH A O     
401 O O     . HOH C .  ? 0.1727 0.3894 0.3376 -0.1068 -0.0249 0.0640  72 HOH A O     
402 O O     . HOH C .  ? 0.5941 0.3656 0.4896 -0.1709 -0.1484 0.0731  73 HOH A O     
403 O O     . HOH C .  ? 0.3195 0.5419 0.4406 0.1276  0.0509  0.1644  74 HOH A O     
404 O O     . HOH C .  ? 0.3127 0.4585 0.7322 -0.0131 -0.0026 0.0739  75 HOH A O     
405 O O     . HOH C .  ? 0.5671 0.4409 0.4435 -0.2460 -0.1601 0.1435  76 HOH A O     
406 O O     B HOH C .  ? 0.1711 0.1342 0.1737 0.0138  0.0132  0.0273  77 HOH A O     
407 O O     . HOH C .  ? 0.1151 0.1056 0.1920 -0.0089 -0.0604 0.0506  78 HOH A O     
408 O O     . HOH C .  ? 0.1135 0.1507 0.1389 -0.0009 -0.0017 0.0465  79 HOH A O     
409 O O     . HOH C .  ? 0.3008 0.3186 0.5683 -0.0644 0.1272  0.1355  80 HOH A O     
410 O O     . HOH C .  ? 0.1996 0.3754 0.6448 -0.0176 -0.0223 -0.0991 81 HOH A O     
411 O O     . HOH C .  ? 0.1639 0.3784 0.4229 0.0524  0.0564  -0.0822 82 HOH A O     
412 O O     A HOH C .  ? 0.1112 0.1191 0.2348 0.0463  0.0174  0.0279  83 HOH A O     
413 O O     B HOH C .  ? 0.4303 0.3813 0.5195 -0.1319 -0.2115 0.1650  83 HOH A O     
414 O O     . HOH C .  ? 0.3795 0.3798 0.3795 -0.0001 -0.0001 0.0003  84 HOH A O     
415 O O     . HOH C .  ? 0.3802 0.3802 0.3800 0.0001  0.0000  0.0000  87 HOH A O     
416 O O     . HOH C .  ? 0.3798 0.3796 0.3798 0.0000  -0.0001 0.0001  88 HOH A O     
417 O O     B HOH C .  ? 0.3799 0.3801 0.3800 0.0000  0.0000  0.0000  89 HOH A O     
# 
